data_3RQA
#
_entry.id   3RQA
#
_cell.length_a   58.840
_cell.length_b   89.360
_cell.length_c   87.340
_cell.angle_alpha   90.00
_cell.angle_beta   105.40
_cell.angle_gamma   90.00
#
_symmetry.space_group_name_H-M   'P 1 21 1'
#
loop_
_entity.id
_entity.type
_entity.pdbx_description
1 polymer 'Putative uncharacterized protein'
2 non-polymer 'ACETATE ION'
3 water water
#
_entity_poly.entity_id   1
_entity_poly.type   'polypeptide(L)'
_entity_poly.pdbx_seq_one_letter_code
;SNAMSTLGTLAPAADTELFADTLSCELRLPAGFHVTADPGSHATAETLLRSLGQVEDLRSEDSSEERGELPLLVQRMDAK
LDLILALIGRLVRQSDTRLALGTVHWSVRGIRLASPHAHPPGTTGSVLLQPSDWLPELLQLPADVLASASDGQQHWLWLR
FAPLGTGLQDALERHLFRLHRRQIADARRQR
;
_entity_poly.pdbx_strand_id   A,B,C,D
#
# COMPACT_ATOMS: atom_id res chain seq x y z
N LEU A 7 -16.20 -23.71 32.63
CA LEU A 7 -15.92 -22.26 32.45
C LEU A 7 -16.98 -21.61 31.55
N GLY A 8 -18.23 -22.02 31.73
CA GLY A 8 -19.30 -21.47 30.92
C GLY A 8 -20.61 -21.36 31.67
N THR A 9 -20.70 -22.02 32.81
CA THR A 9 -21.93 -21.98 33.60
C THR A 9 -22.17 -20.58 34.13
N LEU A 10 -21.13 -19.77 34.19
CA LEU A 10 -21.22 -18.40 34.67
C LEU A 10 -22.39 -17.68 34.02
N ALA A 11 -22.77 -18.13 32.83
CA ALA A 11 -23.87 -17.52 32.08
C ALA A 11 -24.61 -18.59 31.28
N PRO A 12 -25.37 -19.46 31.96
CA PRO A 12 -26.14 -20.55 31.37
C PRO A 12 -26.98 -20.17 30.16
N ALA A 13 -27.93 -19.27 30.36
CA ALA A 13 -28.80 -18.87 29.28
C ALA A 13 -28.05 -18.26 28.10
N ALA A 14 -27.09 -17.39 28.38
CA ALA A 14 -26.32 -16.74 27.33
C ALA A 14 -25.49 -17.71 26.49
N ASP A 15 -24.96 -18.73 27.15
CA ASP A 15 -24.14 -19.73 26.47
C ASP A 15 -25.02 -20.63 25.60
N THR A 16 -26.29 -20.75 25.98
CA THR A 16 -27.25 -21.56 25.24
C THR A 16 -27.77 -20.78 24.03
N GLU A 17 -27.95 -19.47 24.21
CA GLU A 17 -28.44 -18.65 23.11
C GLU A 17 -27.43 -18.54 21.99
N LEU A 18 -26.16 -18.43 22.35
CA LEU A 18 -25.10 -18.29 21.36
C LEU A 18 -24.49 -19.58 20.78
N PHE A 19 -24.51 -20.68 21.54
CA PHE A 19 -23.89 -21.92 21.05
C PHE A 19 -24.73 -23.20 20.96
N ALA A 20 -26.03 -23.11 21.25
CA ALA A 20 -26.85 -24.31 21.18
C ALA A 20 -27.24 -24.69 19.75
N ASP A 21 -27.04 -25.96 19.41
CA ASP A 21 -27.39 -26.48 18.09
C ASP A 21 -26.75 -25.68 16.95
N THR A 22 -25.45 -25.39 17.09
CA THR A 22 -24.74 -24.64 16.06
C THR A 22 -23.24 -24.77 16.25
N LEU A 23 -22.50 -24.85 15.14
CA LEU A 23 -21.05 -25.01 15.19
C LEU A 23 -20.41 -23.93 16.05
N SER A 24 -19.66 -24.35 17.06
CA SER A 24 -18.97 -23.44 17.96
C SER A 24 -17.54 -23.92 18.12
N CYS A 25 -16.60 -23.05 17.76
CA CYS A 25 -15.19 -23.40 17.83
C CYS A 25 -14.46 -22.76 19.02
N GLU A 26 -13.51 -23.52 19.56
CA GLU A 26 -12.71 -23.09 20.70
C GLU A 26 -11.29 -22.94 20.18
N LEU A 27 -10.82 -21.70 20.08
CA LEU A 27 -9.48 -21.43 19.57
C LEU A 27 -8.87 -20.20 20.20
N ARG A 28 -7.57 -20.01 19.97
CA ARG A 28 -6.87 -18.86 20.51
C ARG A 28 -6.45 -17.93 19.39
N LEU A 29 -6.79 -16.65 19.54
CA LEU A 29 -6.44 -15.64 18.55
C LEU A 29 -6.59 -14.25 19.14
N PRO A 30 -5.94 -13.25 18.54
CA PRO A 30 -6.09 -11.89 19.09
C PRO A 30 -7.54 -11.42 18.87
N ALA A 31 -8.21 -11.12 19.97
CA ALA A 31 -9.60 -10.68 19.89
C ALA A 31 -9.88 -9.74 21.06
N GLY A 32 -10.89 -8.90 20.90
CA GLY A 32 -11.25 -7.97 21.96
C GLY A 32 -12.60 -7.36 21.67
N PHE A 33 -13.18 -6.70 22.68
CA PHE A 33 -14.48 -6.05 22.52
C PHE A 33 -14.26 -4.57 22.75
N HIS A 34 -14.61 -3.76 21.77
CA HIS A 34 -14.45 -2.32 21.86
C HIS A 34 -15.80 -1.62 21.93
N VAL A 35 -16.03 -0.92 23.03
CA VAL A 35 -17.28 -0.18 23.23
C VAL A 35 -17.24 1.05 22.34
N THR A 36 -17.92 0.97 21.21
CA THR A 36 -17.97 2.09 20.29
C THR A 36 -19.39 2.41 19.89
N ALA A 37 -19.64 3.67 19.58
CA ALA A 37 -20.96 4.09 19.18
C ALA A 37 -21.35 3.24 17.98
N ASP A 38 -20.70 3.49 16.85
CA ASP A 38 -21.03 2.75 15.65
C ASP A 38 -19.84 2.34 14.79
N PRO A 39 -19.66 1.02 14.56
CA PRO A 39 -18.58 0.45 13.76
C PRO A 39 -19.14 0.25 12.34
N GLY A 40 -19.85 -0.84 12.14
CA GLY A 40 -20.48 -1.11 10.88
C GLY A 40 -19.73 -1.73 9.71
N SER A 41 -20.48 -1.81 8.62
CA SER A 41 -20.05 -2.37 7.34
C SER A 41 -19.92 -3.88 7.32
N HIS A 42 -21.01 -4.51 6.92
CA HIS A 42 -21.05 -5.94 6.79
C HIS A 42 -20.24 -6.28 5.56
N ALA A 43 -20.36 -5.43 4.54
CA ALA A 43 -19.65 -5.58 3.27
C ALA A 43 -18.14 -5.71 3.47
N THR A 44 -17.58 -4.91 4.37
CA THR A 44 -16.14 -4.95 4.65
C THR A 44 -15.78 -6.25 5.36
N ALA A 45 -16.64 -6.67 6.29
CA ALA A 45 -16.45 -7.90 7.03
C ALA A 45 -16.54 -9.13 6.10
N GLU A 46 -17.54 -9.14 5.22
CA GLU A 46 -17.72 -10.25 4.29
C GLU A 46 -16.56 -10.32 3.28
N THR A 47 -16.19 -9.17 2.73
CA THR A 47 -15.08 -9.11 1.78
C THR A 47 -13.85 -9.75 2.44
N LEU A 48 -13.57 -9.37 3.68
CA LEU A 48 -12.43 -9.91 4.39
C LEU A 48 -12.45 -11.45 4.52
N LEU A 49 -13.56 -12.00 5.02
CA LEU A 49 -13.66 -13.44 5.20
C LEU A 49 -13.63 -14.21 3.89
N ARG A 50 -14.37 -13.75 2.89
CA ARG A 50 -14.37 -14.45 1.62
C ARG A 50 -12.99 -14.45 0.97
N SER A 51 -12.33 -13.29 0.99
CA SER A 51 -11.03 -13.20 0.38
C SER A 51 -10.01 -14.04 1.11
N LEU A 52 -10.07 -14.04 2.43
CA LEU A 52 -9.15 -14.83 3.23
C LEU A 52 -9.26 -16.30 2.84
N GLY A 53 -10.50 -16.77 2.75
CA GLY A 53 -10.77 -18.15 2.40
C GLY A 53 -10.19 -18.57 1.07
N GLN A 54 -10.28 -17.69 0.08
CA GLN A 54 -9.75 -18.01 -1.24
C GLN A 54 -8.23 -18.11 -1.20
N VAL A 55 -7.58 -17.17 -0.52
CA VAL A 55 -6.12 -17.17 -0.42
C VAL A 55 -5.67 -18.27 0.55
N GLU A 56 -6.58 -18.68 1.43
CA GLU A 56 -6.29 -19.73 2.40
C GLU A 56 -6.16 -21.05 1.63
N ASP A 57 -7.06 -21.28 0.67
CA ASP A 57 -7.05 -22.48 -0.15
C ASP A 57 -5.86 -22.47 -1.10
N LEU A 58 -5.52 -21.28 -1.59
CA LEU A 58 -4.38 -21.11 -2.48
C LEU A 58 -3.24 -21.85 -1.80
N ARG A 59 -3.20 -21.75 -0.48
CA ARG A 59 -2.17 -22.43 0.31
C ARG A 59 -2.72 -23.79 0.73
N GLU A 65 -5.05 -25.33 -9.33
CA GLU A 65 -6.02 -25.83 -10.35
C GLU A 65 -5.29 -26.18 -11.65
N GLU A 66 -4.17 -25.51 -11.89
CA GLU A 66 -3.37 -25.74 -13.10
C GLU A 66 -2.11 -24.87 -13.09
N ARG A 67 -0.95 -25.54 -13.01
CA ARG A 67 0.34 -24.85 -13.00
C ARG A 67 0.43 -23.74 -14.05
N GLY A 68 0.87 -24.10 -15.26
CA GLY A 68 0.99 -23.11 -16.32
C GLY A 68 -0.33 -22.40 -16.56
N GLU A 69 -1.24 -23.06 -17.26
CA GLU A 69 -2.55 -22.50 -17.55
C GLU A 69 -2.45 -21.19 -18.34
N LEU A 70 -3.07 -20.14 -17.82
CA LEU A 70 -3.06 -18.83 -18.46
C LEU A 70 -1.65 -18.35 -18.84
N PRO A 71 -1.56 -17.23 -19.57
CA PRO A 71 -0.28 -16.66 -19.98
C PRO A 71 0.75 -16.55 -18.86
N LEU A 72 2.02 -16.61 -19.23
CA LEU A 72 3.10 -16.52 -18.26
C LEU A 72 3.06 -15.15 -17.57
N LEU A 73 2.71 -14.11 -18.33
CA LEU A 73 2.65 -12.75 -17.77
C LEU A 73 1.71 -12.70 -16.58
N VAL A 74 0.59 -13.42 -16.68
CA VAL A 74 -0.40 -13.46 -15.61
C VAL A 74 0.18 -14.06 -14.33
N GLN A 75 0.87 -15.18 -14.47
CA GLN A 75 1.47 -15.87 -13.33
C GLN A 75 2.39 -14.91 -12.58
N ARG A 76 3.16 -14.16 -13.35
CA ARG A 76 4.10 -13.19 -12.83
C ARG A 76 3.39 -12.00 -12.13
N MET A 77 2.24 -11.57 -12.66
CA MET A 77 1.49 -10.48 -12.03
C MET A 77 0.97 -11.00 -10.69
N ASP A 78 0.52 -12.26 -10.66
CA ASP A 78 0.03 -12.87 -9.43
C ASP A 78 1.12 -12.85 -8.36
N ALA A 79 2.35 -13.14 -8.79
CA ALA A 79 3.49 -13.14 -7.88
C ALA A 79 3.64 -11.75 -7.28
N LYS A 80 3.61 -10.74 -8.14
CA LYS A 80 3.74 -9.35 -7.69
C LYS A 80 2.69 -9.03 -6.63
N LEU A 81 1.50 -9.61 -6.79
CA LEU A 81 0.42 -9.41 -5.84
C LEU A 81 0.81 -9.98 -4.49
N ASP A 82 1.39 -11.18 -4.50
CA ASP A 82 1.84 -11.83 -3.26
C ASP A 82 2.84 -10.94 -2.56
N LEU A 83 3.76 -10.38 -3.34
CA LEU A 83 4.77 -9.49 -2.80
C LEU A 83 4.16 -8.22 -2.20
N ILE A 84 3.25 -7.57 -2.93
CA ILE A 84 2.61 -6.35 -2.45
C ILE A 84 1.86 -6.59 -1.14
N LEU A 85 1.09 -7.67 -1.09
CA LEU A 85 0.33 -8.01 0.10
C LEU A 85 1.28 -8.20 1.28
N ALA A 86 2.35 -8.95 1.07
CA ALA A 86 3.30 -9.20 2.14
C ALA A 86 3.91 -7.89 2.62
N LEU A 87 4.42 -7.09 1.69
CA LEU A 87 5.02 -5.80 2.03
C LEU A 87 4.07 -4.88 2.78
N ILE A 88 2.86 -4.69 2.26
CA ILE A 88 1.91 -3.83 2.95
C ILE A 88 1.60 -4.42 4.32
N GLY A 89 1.62 -5.74 4.42
CA GLY A 89 1.37 -6.37 5.70
C GLY A 89 2.44 -5.98 6.70
N ARG A 90 3.69 -6.05 6.26
CA ARG A 90 4.83 -5.70 7.11
C ARG A 90 4.74 -4.25 7.58
N LEU A 91 4.36 -3.35 6.66
CA LEU A 91 4.24 -1.92 6.95
C LEU A 91 3.18 -1.67 8.01
N VAL A 92 2.05 -2.35 7.87
CA VAL A 92 0.95 -2.22 8.81
C VAL A 92 1.40 -2.63 10.21
N ARG A 93 2.26 -3.65 10.30
CA ARG A 93 2.75 -4.14 11.59
C ARG A 93 3.76 -3.19 12.23
N GLN A 94 4.41 -2.35 11.42
CA GLN A 94 5.38 -1.41 11.93
C GLN A 94 4.77 -0.35 12.85
N SER A 95 3.44 -0.23 12.82
CA SER A 95 2.79 0.79 13.65
C SER A 95 1.38 0.48 14.14
N ASP A 96 0.98 -0.78 14.08
CA ASP A 96 -0.36 -1.15 14.52
C ASP A 96 -0.34 -1.59 15.99
N THR A 97 -1.52 -1.84 16.53
CA THR A 97 -1.65 -2.28 17.91
C THR A 97 -2.12 -3.73 17.90
N ARG A 98 -1.25 -4.63 18.33
CA ARG A 98 -1.59 -6.05 18.37
C ARG A 98 -2.69 -6.20 19.42
N LEU A 99 -3.58 -7.15 19.23
CA LEU A 99 -4.65 -7.39 20.20
C LEU A 99 -4.26 -8.57 21.07
N ALA A 100 -4.70 -8.56 22.31
CA ALA A 100 -4.39 -9.62 23.25
C ALA A 100 -4.82 -10.99 22.74
N LEU A 101 -3.90 -11.95 22.74
CA LEU A 101 -4.25 -13.30 22.31
C LEU A 101 -5.14 -13.88 23.39
N GLY A 102 -6.04 -14.78 23.00
CA GLY A 102 -6.91 -15.37 23.99
C GLY A 102 -7.77 -16.48 23.44
N THR A 103 -8.26 -17.32 24.33
CA THR A 103 -9.13 -18.42 23.95
C THR A 103 -10.52 -17.84 23.86
N VAL A 104 -11.28 -18.28 22.87
CA VAL A 104 -12.63 -17.79 22.65
C VAL A 104 -13.52 -18.86 22.07
N HIS A 105 -14.82 -18.76 22.33
CA HIS A 105 -15.78 -19.71 21.79
C HIS A 105 -16.54 -18.86 20.77
N TRP A 106 -16.51 -19.30 19.52
CA TRP A 106 -17.10 -18.54 18.42
C TRP A 106 -18.13 -19.28 17.57
N SER A 107 -19.32 -18.71 17.44
CA SER A 107 -20.39 -19.29 16.63
C SER A 107 -20.83 -18.21 15.66
N VAL A 108 -21.72 -18.55 14.74
CA VAL A 108 -22.21 -17.58 13.78
C VAL A 108 -23.12 -16.56 14.45
N ARG A 109 -23.52 -16.86 15.69
CA ARG A 109 -24.43 -15.97 16.43
C ARG A 109 -23.73 -15.02 17.40
N GLY A 110 -22.58 -15.46 17.93
CA GLY A 110 -21.86 -14.63 18.87
C GLY A 110 -20.50 -15.17 19.28
N ILE A 111 -19.93 -14.58 20.31
CA ILE A 111 -18.61 -14.99 20.79
C ILE A 111 -18.47 -14.74 22.28
N ARG A 112 -17.68 -15.58 22.93
CA ARG A 112 -17.44 -15.45 24.36
C ARG A 112 -15.94 -15.25 24.45
N LEU A 113 -15.50 -14.16 25.07
CA LEU A 113 -14.09 -13.88 25.19
C LEU A 113 -13.71 -13.23 26.51
N ALA A 114 -12.41 -13.08 26.74
CA ALA A 114 -11.92 -12.48 27.96
C ALA A 114 -11.63 -11.00 27.74
N SER A 115 -12.24 -10.16 28.56
CA SER A 115 -12.04 -8.71 28.47
C SER A 115 -11.28 -8.20 29.68
N PRO A 116 -10.53 -7.10 29.52
CA PRO A 116 -9.78 -6.54 30.64
C PRO A 116 -10.70 -5.95 31.73
N HIS A 117 -11.94 -5.65 31.33
CA HIS A 117 -12.96 -5.11 32.24
C HIS A 117 -14.32 -5.72 31.91
N ALA A 118 -15.29 -5.48 32.77
CA ALA A 118 -16.64 -6.02 32.56
C ALA A 118 -17.57 -4.93 32.05
N HIS A 119 -18.68 -5.35 31.45
CA HIS A 119 -19.66 -4.40 30.92
C HIS A 119 -21.06 -4.93 31.18
N PRO A 120 -22.01 -4.02 31.43
CA PRO A 120 -23.40 -4.42 31.70
C PRO A 120 -24.12 -4.93 30.46
N PRO A 121 -25.07 -5.87 30.64
CA PRO A 121 -25.82 -6.41 29.52
C PRO A 121 -26.52 -5.29 28.75
N GLY A 122 -26.17 -5.16 27.47
CA GLY A 122 -26.77 -4.12 26.66
C GLY A 122 -25.70 -3.21 26.11
N THR A 123 -24.49 -3.33 26.66
CA THR A 123 -23.37 -2.53 26.19
C THR A 123 -23.20 -2.89 24.72
N THR A 124 -23.01 -1.89 23.87
CA THR A 124 -22.85 -2.16 22.45
C THR A 124 -21.53 -1.65 21.91
N GLY A 125 -21.01 -2.35 20.91
CA GLY A 125 -19.76 -1.98 20.29
C GLY A 125 -19.40 -2.91 19.15
N SER A 126 -18.14 -3.35 19.13
CA SER A 126 -17.65 -4.25 18.10
C SER A 126 -16.73 -5.33 18.63
N VAL A 127 -16.90 -6.54 18.11
CA VAL A 127 -16.01 -7.61 18.50
C VAL A 127 -14.88 -7.46 17.50
N LEU A 128 -13.65 -7.40 17.99
CA LEU A 128 -12.48 -7.25 17.13
C LEU A 128 -11.72 -8.56 17.13
N LEU A 129 -11.48 -9.09 15.94
CA LEU A 129 -10.78 -10.36 15.77
C LEU A 129 -9.74 -10.31 14.64
N GLN A 130 -8.65 -11.04 14.81
CA GLN A 130 -7.61 -11.14 13.79
C GLN A 130 -7.77 -12.59 13.33
N PRO A 131 -8.57 -12.81 12.27
CA PRO A 131 -8.84 -14.12 11.68
C PRO A 131 -7.65 -14.97 11.22
N SER A 132 -6.68 -14.36 10.56
CA SER A 132 -5.52 -15.10 10.09
C SER A 132 -4.23 -14.55 10.66
N ASP A 133 -3.39 -15.45 11.15
CA ASP A 133 -2.13 -15.06 11.74
C ASP A 133 -1.20 -14.36 10.75
N TRP A 134 -1.20 -14.81 9.50
CA TRP A 134 -0.32 -14.22 8.50
C TRP A 134 -0.75 -12.84 7.99
N LEU A 135 -2.00 -12.45 8.24
CA LEU A 135 -2.51 -11.16 7.76
C LEU A 135 -2.92 -10.23 8.90
N PRO A 136 -2.25 -9.07 9.03
CA PRO A 136 -2.53 -8.09 10.08
C PRO A 136 -3.83 -7.29 9.88
N GLU A 137 -4.87 -7.98 9.42
CA GLU A 137 -6.16 -7.34 9.20
C GLU A 137 -7.16 -7.82 10.24
N LEU A 138 -7.94 -6.90 10.78
CA LEU A 138 -8.94 -7.23 11.79
C LEU A 138 -10.34 -7.33 11.23
N LEU A 139 -11.08 -8.28 11.77
CA LEU A 139 -12.48 -8.49 11.41
C LEU A 139 -13.21 -7.72 12.50
N GLN A 140 -14.20 -6.93 12.11
CA GLN A 140 -14.97 -6.15 13.07
C GLN A 140 -16.44 -6.48 12.89
N LEU A 141 -17.08 -6.95 13.96
CA LEU A 141 -18.49 -7.32 13.90
C LEU A 141 -19.27 -6.61 15.00
N PRO A 142 -20.25 -5.76 14.63
CA PRO A 142 -21.02 -5.08 15.66
C PRO A 142 -21.65 -6.12 16.59
N ALA A 143 -21.67 -5.85 17.88
CA ALA A 143 -22.23 -6.78 18.84
C ALA A 143 -22.65 -6.10 20.14
N ASP A 144 -23.50 -6.78 20.88
CA ASP A 144 -23.98 -6.31 22.19
C ASP A 144 -23.56 -7.33 23.24
N VAL A 145 -23.47 -6.89 24.49
CA VAL A 145 -23.09 -7.78 25.57
C VAL A 145 -24.35 -8.34 26.22
N LEU A 146 -24.50 -9.65 26.26
CA LEU A 146 -25.68 -10.24 26.89
C LEU A 146 -25.31 -11.02 28.15
N ALA A 147 -24.05 -10.95 28.53
CA ALA A 147 -23.58 -11.63 29.75
C ALA A 147 -22.13 -11.31 30.05
N SER A 148 -21.89 -10.92 31.29
CA SER A 148 -20.56 -10.59 31.76
C SER A 148 -20.47 -11.16 33.16
N ALA A 149 -19.53 -12.07 33.36
CA ALA A 149 -19.33 -12.72 34.65
C ALA A 149 -17.86 -12.99 34.81
N SER A 150 -17.45 -13.31 36.04
CA SER A 150 -16.05 -13.61 36.31
C SER A 150 -15.93 -14.95 37.00
N ASP A 151 -14.83 -15.64 36.72
CA ASP A 151 -14.56 -16.94 37.32
C ASP A 151 -13.48 -16.76 38.38
N GLY A 152 -12.33 -17.42 38.18
CA GLY A 152 -11.24 -17.32 39.12
C GLY A 152 -10.61 -15.93 39.07
N GLN A 153 -10.47 -15.38 37.87
CA GLN A 153 -9.89 -14.05 37.70
C GLN A 153 -10.47 -13.32 36.49
N GLN A 154 -9.85 -13.52 35.33
CA GLN A 154 -10.30 -12.92 34.07
C GLN A 154 -11.83 -12.61 34.02
N HIS A 155 -12.18 -11.55 33.31
CA HIS A 155 -13.59 -11.16 33.12
C HIS A 155 -14.04 -11.78 31.81
N TRP A 156 -15.19 -12.45 31.81
CA TRP A 156 -15.68 -13.06 30.58
C TRP A 156 -16.95 -12.40 30.04
N LEU A 157 -16.94 -12.15 28.74
CA LEU A 157 -18.07 -11.51 28.06
C LEU A 157 -18.73 -12.39 27.02
N TRP A 158 -20.06 -12.29 26.94
CA TRP A 158 -20.81 -13.05 25.95
C TRP A 158 -21.36 -12.01 24.98
N LEU A 159 -20.74 -11.92 23.80
CA LEU A 159 -21.18 -10.97 22.79
C LEU A 159 -22.03 -11.67 21.74
N ARG A 160 -23.15 -11.05 21.46
CA ARG A 160 -24.12 -11.54 20.51
C ARG A 160 -24.07 -10.60 19.34
N PHE A 161 -23.61 -11.10 18.19
CA PHE A 161 -23.47 -10.29 16.99
C PHE A 161 -24.80 -9.67 16.58
N ALA A 162 -24.75 -8.46 16.04
CA ALA A 162 -25.96 -7.82 15.55
C ALA A 162 -26.23 -8.58 14.26
N PRO A 163 -27.49 -8.60 13.78
CA PRO A 163 -27.77 -9.34 12.53
C PRO A 163 -26.67 -9.13 11.50
N LEU A 164 -26.22 -10.22 10.90
CA LEU A 164 -25.15 -10.17 9.92
C LEU A 164 -25.60 -9.89 8.49
N GLY A 165 -26.80 -10.32 8.16
CA GLY A 165 -27.24 -10.14 6.78
C GLY A 165 -26.81 -11.37 6.00
N THR A 166 -27.57 -11.72 4.98
CA THR A 166 -27.34 -12.89 4.13
C THR A 166 -25.87 -13.21 3.78
N GLY A 167 -25.20 -12.29 3.13
CA GLY A 167 -23.82 -12.49 2.73
C GLY A 167 -22.81 -12.74 3.83
N LEU A 168 -22.75 -11.84 4.80
CA LEU A 168 -21.81 -11.97 5.90
C LEU A 168 -22.04 -13.29 6.63
N GLN A 169 -23.30 -13.60 6.92
CA GLN A 169 -23.63 -14.85 7.61
C GLN A 169 -23.02 -16.03 6.86
N ASP A 170 -23.28 -16.11 5.57
CA ASP A 170 -22.75 -17.19 4.75
C ASP A 170 -21.23 -17.24 4.88
N ALA A 171 -20.59 -16.07 4.79
CA ALA A 171 -19.13 -15.98 4.87
C ALA A 171 -18.61 -16.48 6.22
N LEU A 172 -19.27 -16.05 7.28
CA LEU A 172 -18.85 -16.47 8.61
C LEU A 172 -19.06 -17.97 8.81
N GLU A 173 -20.22 -18.47 8.40
CA GLU A 173 -20.53 -19.89 8.53
C GLU A 173 -19.47 -20.68 7.77
N ARG A 174 -19.12 -20.22 6.58
CA ARG A 174 -18.10 -20.92 5.81
C ARG A 174 -16.79 -20.87 6.57
N HIS A 175 -16.40 -19.68 7.02
CA HIS A 175 -15.16 -19.48 7.76
C HIS A 175 -15.06 -20.42 8.96
N LEU A 176 -16.14 -20.48 9.75
CA LEU A 176 -16.17 -21.33 10.93
C LEU A 176 -16.06 -22.82 10.59
N PHE A 177 -16.76 -23.25 9.54
CA PHE A 177 -16.71 -24.64 9.14
C PHE A 177 -15.28 -25.03 8.76
N ARG A 178 -14.65 -24.24 7.89
CA ARG A 178 -13.27 -24.51 7.47
C ARG A 178 -12.36 -24.54 8.68
N LEU A 179 -12.61 -23.63 9.61
CA LEU A 179 -11.82 -23.56 10.83
C LEU A 179 -11.98 -24.90 11.55
N HIS A 180 -13.20 -25.40 11.63
CA HIS A 180 -13.45 -26.66 12.31
C HIS A 180 -12.70 -27.78 11.61
N ARG A 181 -12.89 -27.90 10.31
CA ARG A 181 -12.25 -28.93 9.50
C ARG A 181 -10.74 -28.93 9.69
N ARG A 182 -10.12 -27.76 9.55
CA ARG A 182 -8.69 -27.66 9.73
C ARG A 182 -8.29 -28.06 11.15
N GLN A 183 -9.18 -27.79 12.10
CA GLN A 183 -8.92 -28.12 13.50
C GLN A 183 -8.83 -29.62 13.73
N ILE A 184 -9.73 -30.36 13.12
CA ILE A 184 -9.74 -31.80 13.27
C ILE A 184 -8.47 -32.37 12.64
N ALA A 185 -7.77 -31.53 11.88
CA ALA A 185 -6.53 -31.95 11.23
C ALA A 185 -5.35 -31.84 12.18
N ASP A 186 -5.19 -32.86 13.03
CA ASP A 186 -4.09 -32.92 14.00
C ASP A 186 -3.62 -34.38 14.12
N LEU B 7 38.54 -21.35 11.25
CA LEU B 7 37.62 -20.94 10.15
C LEU B 7 36.55 -22.00 9.95
N GLY B 8 35.35 -21.73 10.46
CA GLY B 8 34.27 -22.68 10.33
C GLY B 8 34.54 -23.88 11.23
N THR B 9 35.82 -24.24 11.34
CA THR B 9 36.25 -25.36 12.18
C THR B 9 36.39 -24.96 13.66
N LEU B 10 35.42 -24.18 14.15
CA LEU B 10 35.39 -23.77 15.54
C LEU B 10 34.03 -24.24 16.02
N ALA B 11 33.52 -25.24 15.31
CA ALA B 11 32.24 -25.89 15.57
C ALA B 11 32.00 -26.83 14.38
N PRO B 12 33.03 -27.60 14.01
CA PRO B 12 32.97 -28.55 12.89
C PRO B 12 31.81 -29.54 12.96
N ALA B 13 31.34 -29.82 14.17
CA ALA B 13 30.24 -30.74 14.39
C ALA B 13 28.99 -30.28 13.64
N ALA B 14 28.59 -29.03 13.91
CA ALA B 14 27.42 -28.44 13.27
C ALA B 14 27.70 -28.10 11.82
N ASP B 15 28.84 -27.46 11.59
CA ASP B 15 29.24 -27.07 10.23
C ASP B 15 29.03 -28.25 9.27
N THR B 16 29.36 -29.46 9.71
CA THR B 16 29.19 -30.64 8.88
C THR B 16 27.71 -31.01 8.76
N GLU B 17 26.98 -30.91 9.86
CA GLU B 17 25.56 -31.26 9.84
C GLU B 17 24.80 -30.34 8.89
N LEU B 18 25.15 -29.06 8.91
CA LEU B 18 24.48 -28.08 8.07
C LEU B 18 24.91 -28.03 6.62
N PHE B 19 26.18 -28.30 6.35
CA PHE B 19 26.68 -28.19 4.98
C PHE B 19 27.25 -29.40 4.23
N ALA B 20 27.63 -30.45 4.95
CA ALA B 20 28.20 -31.62 4.30
C ALA B 20 27.30 -32.24 3.21
N ASP B 21 27.85 -32.45 2.03
CA ASP B 21 27.12 -33.06 0.93
C ASP B 21 25.85 -32.33 0.48
N THR B 22 25.87 -31.00 0.49
CA THR B 22 24.70 -30.23 0.07
C THR B 22 25.12 -28.81 -0.33
N LEU B 23 24.39 -28.22 -1.27
CA LEU B 23 24.71 -26.87 -1.73
C LEU B 23 24.70 -25.90 -0.56
N SER B 24 25.84 -25.27 -0.30
CA SER B 24 26.00 -24.30 0.79
C SER B 24 26.65 -23.05 0.23
N CYS B 25 25.87 -21.99 0.12
CA CYS B 25 26.37 -20.74 -0.42
C CYS B 25 26.93 -19.79 0.62
N GLU B 26 28.02 -19.12 0.27
CA GLU B 26 28.64 -18.14 1.14
C GLU B 26 28.34 -16.78 0.50
N LEU B 27 27.58 -15.96 1.20
CA LEU B 27 27.23 -14.65 0.68
C LEU B 27 26.94 -13.64 1.78
N ARG B 28 26.89 -12.38 1.36
CA ARG B 28 26.63 -11.27 2.27
C ARG B 28 25.18 -10.85 2.08
N LEU B 29 24.40 -10.93 3.15
CA LEU B 29 23.02 -10.52 3.07
C LEU B 29 22.53 -10.20 4.48
N PRO B 30 21.59 -9.26 4.60
CA PRO B 30 21.14 -8.94 5.95
C PRO B 30 20.45 -10.16 6.54
N ALA B 31 20.90 -10.58 7.72
CA ALA B 31 20.32 -11.73 8.36
C ALA B 31 20.57 -11.70 9.85
N GLY B 32 19.75 -12.42 10.61
CA GLY B 32 19.89 -12.47 12.05
C GLY B 32 19.03 -13.52 12.73
N PHE B 33 19.35 -13.84 13.97
CA PHE B 33 18.60 -14.82 14.75
C PHE B 33 17.84 -14.10 15.84
N HIS B 34 16.53 -14.35 15.89
CA HIS B 34 15.65 -13.74 16.88
C HIS B 34 14.95 -14.81 17.72
N VAL B 35 15.20 -14.78 19.02
CA VAL B 35 14.59 -15.75 19.93
C VAL B 35 13.09 -15.53 20.04
N THR B 36 12.33 -16.62 20.01
CA THR B 36 10.88 -16.56 20.12
C THR B 36 10.22 -17.93 20.14
N ALA B 37 9.02 -17.98 20.71
CA ALA B 37 8.24 -19.20 20.79
C ALA B 37 7.11 -19.06 19.78
N ASP B 38 7.14 -17.93 19.06
CA ASP B 38 6.15 -17.62 18.04
C ASP B 38 6.82 -17.56 16.66
N PRO B 39 6.97 -18.72 16.01
CA PRO B 39 7.60 -18.80 14.68
C PRO B 39 6.67 -18.32 13.56
N GLY B 40 7.17 -18.42 12.33
CA GLY B 40 6.39 -18.01 11.19
C GLY B 40 5.63 -19.16 10.57
N SER B 41 5.19 -18.98 9.34
CA SER B 41 4.44 -20.00 8.62
C SER B 41 5.23 -20.50 7.43
N HIS B 42 5.06 -21.78 7.10
CA HIS B 42 5.73 -22.36 5.96
C HIS B 42 5.15 -21.79 4.67
N ALA B 43 3.83 -21.62 4.64
CA ALA B 43 3.15 -21.06 3.46
C ALA B 43 3.74 -19.70 3.11
N THR B 44 3.80 -18.82 4.10
CA THR B 44 4.34 -17.48 3.91
C THR B 44 5.75 -17.51 3.31
N ALA B 45 6.63 -18.32 3.90
CA ALA B 45 8.00 -18.45 3.42
C ALA B 45 8.04 -19.04 2.00
N GLU B 46 7.18 -20.02 1.74
CA GLU B 46 7.14 -20.61 0.41
C GLU B 46 6.63 -19.58 -0.60
N THR B 47 5.58 -18.85 -0.25
CA THR B 47 5.03 -17.84 -1.15
C THR B 47 6.08 -16.77 -1.45
N LEU B 48 6.80 -16.33 -0.41
CA LEU B 48 7.82 -15.31 -0.61
C LEU B 48 8.91 -15.77 -1.57
N LEU B 49 9.43 -16.98 -1.36
CA LEU B 49 10.49 -17.51 -2.21
C LEU B 49 10.07 -17.69 -3.67
N ARG B 50 8.97 -18.39 -3.91
CA ARG B 50 8.51 -18.61 -5.27
C ARG B 50 8.17 -17.31 -5.98
N SER B 51 7.58 -16.37 -5.25
CA SER B 51 7.22 -15.10 -5.85
C SER B 51 8.43 -14.30 -6.29
N LEU B 52 9.48 -14.31 -5.47
CA LEU B 52 10.70 -13.61 -5.84
C LEU B 52 11.23 -14.23 -7.12
N GLY B 53 11.12 -15.55 -7.20
CA GLY B 53 11.60 -16.25 -8.37
C GLY B 53 10.76 -16.12 -9.62
N GLN B 54 9.44 -16.03 -9.49
CA GLN B 54 8.58 -15.94 -10.66
C GLN B 54 8.74 -14.59 -11.35
N VAL B 55 9.10 -13.57 -10.59
CA VAL B 55 9.30 -12.24 -11.16
C VAL B 55 10.76 -12.15 -11.60
N GLU B 56 11.25 -13.24 -12.18
CA GLU B 56 12.63 -13.34 -12.67
C GLU B 56 12.99 -12.31 -13.72
N ASP B 57 12.32 -12.38 -14.87
CA ASP B 57 12.56 -11.41 -15.96
C ASP B 57 11.37 -11.26 -16.90
N GLU B 69 2.01 -7.42 -23.11
CA GLU B 69 1.54 -8.71 -23.68
C GLU B 69 0.07 -8.74 -24.17
N LEU B 70 -0.78 -9.39 -23.38
CA LEU B 70 -2.21 -9.55 -23.67
C LEU B 70 -2.91 -8.20 -23.94
N PRO B 71 -4.26 -8.17 -23.89
CA PRO B 71 -4.93 -6.90 -24.15
C PRO B 71 -4.26 -5.73 -23.42
N LEU B 72 -4.23 -4.57 -24.06
CA LEU B 72 -3.61 -3.39 -23.48
C LEU B 72 -3.96 -3.18 -22.02
N LEU B 73 -5.20 -3.48 -21.65
CA LEU B 73 -5.63 -3.31 -20.28
C LEU B 73 -4.82 -4.16 -19.31
N VAL B 74 -4.38 -5.33 -19.75
CA VAL B 74 -3.59 -6.21 -18.90
C VAL B 74 -2.17 -5.72 -18.79
N GLN B 75 -1.64 -5.17 -19.88
CA GLN B 75 -0.29 -4.64 -19.89
C GLN B 75 -0.21 -3.44 -18.94
N ARG B 76 -1.26 -2.63 -18.91
CA ARG B 76 -1.31 -1.47 -18.02
C ARG B 76 -1.62 -1.87 -16.59
N MET B 77 -2.22 -3.05 -16.41
CA MET B 77 -2.50 -3.52 -15.06
C MET B 77 -1.13 -3.86 -14.47
N ASP B 78 -0.29 -4.48 -15.31
CA ASP B 78 1.07 -4.89 -14.90
C ASP B 78 1.94 -3.67 -14.58
N ALA B 79 1.77 -2.59 -15.34
CA ALA B 79 2.51 -1.36 -15.11
C ALA B 79 2.06 -0.78 -13.76
N LYS B 80 0.77 -0.89 -13.47
CA LYS B 80 0.23 -0.40 -12.21
C LYS B 80 0.80 -1.20 -11.05
N LEU B 81 0.86 -2.52 -11.21
CA LEU B 81 1.41 -3.39 -10.19
C LEU B 81 2.86 -3.00 -9.90
N ASP B 82 3.66 -2.81 -10.96
CA ASP B 82 5.05 -2.41 -10.77
C ASP B 82 5.15 -1.14 -9.94
N LEU B 83 4.31 -0.15 -10.25
CA LEU B 83 4.31 1.12 -9.51
C LEU B 83 3.97 0.92 -8.04
N ILE B 84 2.96 0.09 -7.76
CA ILE B 84 2.51 -0.21 -6.40
C ILE B 84 3.62 -0.89 -5.60
N LEU B 85 4.21 -1.93 -6.19
CA LEU B 85 5.26 -2.69 -5.55
C LEU B 85 6.44 -1.76 -5.25
N ALA B 86 6.82 -0.96 -6.25
CA ALA B 86 7.94 -0.05 -6.06
C ALA B 86 7.69 0.91 -4.90
N LEU B 87 6.52 1.54 -4.85
CA LEU B 87 6.20 2.48 -3.78
C LEU B 87 6.14 1.79 -2.42
N ILE B 88 5.41 0.67 -2.35
CA ILE B 88 5.27 -0.02 -1.09
C ILE B 88 6.64 -0.54 -0.63
N GLY B 89 7.44 -1.03 -1.56
CA GLY B 89 8.75 -1.54 -1.18
C GLY B 89 9.59 -0.48 -0.51
N ARG B 90 9.61 0.71 -1.10
CA ARG B 90 10.38 1.83 -0.57
C ARG B 90 9.93 2.26 0.82
N LEU B 91 8.60 2.31 1.05
CA LEU B 91 8.09 2.72 2.36
C LEU B 91 8.58 1.83 3.48
N VAL B 92 8.59 0.53 3.24
CA VAL B 92 9.03 -0.43 4.23
C VAL B 92 10.52 -0.20 4.51
N ARG B 93 11.32 -0.28 3.47
CA ARG B 93 12.78 -0.10 3.54
C ARG B 93 13.22 1.20 4.22
N GLN B 94 12.40 2.24 4.13
CA GLN B 94 12.73 3.52 4.73
C GLN B 94 12.28 3.68 6.18
N SER B 95 11.53 2.70 6.67
CA SER B 95 11.01 2.79 8.02
C SER B 95 11.28 1.56 8.89
N ASP B 96 12.06 0.61 8.38
CA ASP B 96 12.34 -0.62 9.12
C ASP B 96 13.62 -0.60 9.96
N THR B 97 13.71 -1.60 10.84
CA THR B 97 14.84 -1.74 11.73
C THR B 97 16.10 -2.05 10.95
N ARG B 98 15.97 -2.95 9.98
CA ARG B 98 17.09 -3.39 9.15
C ARG B 98 17.90 -4.44 9.95
N LEU B 99 18.28 -5.51 9.26
CA LEU B 99 19.07 -6.57 9.89
C LEU B 99 20.54 -6.26 9.61
N ALA B 100 21.43 -6.97 10.31
CA ALA B 100 22.86 -6.75 10.14
C ALA B 100 23.41 -7.35 8.84
N LEU B 101 23.97 -6.50 8.00
CA LEU B 101 24.58 -6.91 6.74
C LEU B 101 25.67 -7.87 7.20
N GLY B 102 26.10 -8.79 6.34
CA GLY B 102 27.14 -9.70 6.77
C GLY B 102 27.28 -10.99 5.98
N THR B 103 28.44 -11.64 6.15
CA THR B 103 28.68 -12.89 5.45
C THR B 103 28.00 -14.04 6.19
N VAL B 104 27.26 -14.84 5.44
CA VAL B 104 26.56 -15.98 6.01
C VAL B 104 26.84 -17.21 5.13
N HIS B 105 26.61 -18.39 5.69
CA HIS B 105 26.81 -19.65 4.97
C HIS B 105 25.43 -20.30 5.03
N TRP B 106 24.78 -20.40 3.88
CA TRP B 106 23.41 -20.88 3.80
C TRP B 106 23.16 -22.14 2.94
N SER B 107 22.44 -23.09 3.53
CA SER B 107 22.09 -24.34 2.84
C SER B 107 20.62 -24.63 3.14
N VAL B 108 20.07 -25.63 2.47
CA VAL B 108 18.67 -25.97 2.70
C VAL B 108 18.46 -26.42 4.15
N ARG B 109 19.54 -26.88 4.78
CA ARG B 109 19.47 -27.37 6.17
C ARG B 109 19.60 -26.31 7.25
N GLY B 110 20.42 -25.28 7.00
CA GLY B 110 20.59 -24.26 8.02
C GLY B 110 21.44 -23.09 7.56
N ILE B 111 21.83 -22.23 8.49
CA ILE B 111 22.64 -21.07 8.15
C ILE B 111 23.69 -20.71 9.21
N ARG B 112 24.82 -20.24 8.72
CA ARG B 112 25.95 -19.83 9.55
C ARG B 112 26.02 -18.30 9.42
N LEU B 113 25.60 -17.59 10.47
CA LEU B 113 25.59 -16.13 10.47
C LEU B 113 26.10 -15.53 11.79
N ALA B 114 26.44 -14.24 11.76
CA ALA B 114 26.95 -13.57 12.95
C ALA B 114 25.85 -12.88 13.77
N SER B 115 25.82 -13.16 15.07
CA SER B 115 24.82 -12.57 15.97
C SER B 115 25.46 -11.69 17.05
N PRO B 116 24.73 -10.66 17.51
CA PRO B 116 25.26 -9.77 18.54
C PRO B 116 25.77 -10.53 19.78
N HIS B 117 24.93 -11.43 20.29
CA HIS B 117 25.28 -12.21 21.48
C HIS B 117 25.22 -13.72 21.22
N ALA B 118 25.88 -14.49 22.11
CA ALA B 118 25.91 -15.95 22.00
C ALA B 118 24.58 -16.53 22.48
N HIS B 119 24.38 -17.82 22.24
CA HIS B 119 23.15 -18.47 22.64
C HIS B 119 23.40 -19.91 23.05
N PRO B 120 22.76 -20.37 24.11
CA PRO B 120 22.97 -21.75 24.54
C PRO B 120 22.46 -22.70 23.46
N PRO B 121 23.26 -23.71 23.09
CA PRO B 121 22.72 -24.59 22.05
C PRO B 121 21.37 -25.14 22.53
N GLY B 122 20.43 -25.30 21.62
CA GLY B 122 19.12 -25.78 22.00
C GLY B 122 18.15 -24.63 22.08
N THR B 123 18.67 -23.42 21.96
CA THR B 123 17.82 -22.23 22.01
C THR B 123 16.96 -22.17 20.76
N THR B 124 15.65 -22.05 20.97
CA THR B 124 14.69 -21.99 19.87
C THR B 124 14.50 -20.55 19.41
N GLY B 125 14.20 -20.37 18.13
CA GLY B 125 14.01 -19.03 17.60
C GLY B 125 13.69 -19.00 16.12
N SER B 126 14.01 -17.90 15.47
CA SER B 126 13.75 -17.75 14.06
C SER B 126 14.83 -16.97 13.33
N VAL B 127 15.26 -17.51 12.19
CA VAL B 127 16.26 -16.85 11.38
C VAL B 127 15.53 -15.89 10.45
N LEU B 128 15.92 -14.62 10.48
CA LEU B 128 15.31 -13.60 9.63
C LEU B 128 16.36 -13.13 8.62
N LEU B 129 16.07 -13.26 7.34
CA LEU B 129 17.01 -12.84 6.33
C LEU B 129 16.26 -12.24 5.16
N GLN B 130 16.93 -11.34 4.44
CA GLN B 130 16.34 -10.67 3.28
C GLN B 130 16.86 -11.40 2.03
N PRO B 131 16.06 -12.31 1.47
CA PRO B 131 16.42 -13.08 0.27
C PRO B 131 16.81 -12.27 -0.96
N SER B 132 16.34 -11.03 -1.06
CA SER B 132 16.66 -10.14 -2.17
C SER B 132 16.90 -8.76 -1.59
N ASP B 133 17.62 -7.90 -2.31
CA ASP B 133 17.89 -6.58 -1.77
C ASP B 133 17.01 -5.43 -2.25
N TRP B 134 16.45 -5.54 -3.44
CA TRP B 134 15.58 -4.47 -3.93
C TRP B 134 14.27 -4.55 -3.15
N LEU B 135 13.84 -5.77 -2.89
CA LEU B 135 12.61 -6.01 -2.15
C LEU B 135 12.99 -6.19 -0.69
N PRO B 136 12.42 -5.36 0.21
CA PRO B 136 12.73 -5.45 1.63
C PRO B 136 11.93 -6.48 2.43
N GLU B 137 11.30 -7.42 1.74
CA GLU B 137 10.51 -8.44 2.45
C GLU B 137 11.44 -9.47 3.07
N LEU B 138 11.24 -9.74 4.36
CA LEU B 138 12.08 -10.69 5.07
C LEU B 138 11.55 -12.12 5.05
N LEU B 139 12.48 -13.06 5.04
CA LEU B 139 12.15 -14.48 5.06
C LEU B 139 12.29 -14.95 6.51
N GLN B 140 11.25 -15.60 7.04
CA GLN B 140 11.30 -16.08 8.41
C GLN B 140 11.29 -17.61 8.46
N LEU B 141 12.35 -18.18 9.00
CA LEU B 141 12.47 -19.63 9.12
C LEU B 141 12.78 -20.07 10.55
N PRO B 142 11.85 -20.81 11.18
CA PRO B 142 12.05 -21.29 12.54
C PRO B 142 13.30 -22.19 12.58
N ALA B 143 14.14 -21.98 13.60
CA ALA B 143 15.37 -22.76 13.73
C ALA B 143 15.92 -22.85 15.15
N ASP B 144 16.79 -23.82 15.38
CA ASP B 144 17.43 -24.03 16.68
C ASP B 144 18.93 -23.89 16.52
N VAL B 145 19.59 -23.46 17.59
CA VAL B 145 21.04 -23.29 17.57
C VAL B 145 21.78 -24.61 17.79
N LEU B 146 22.66 -24.96 16.85
CA LEU B 146 23.44 -26.18 16.96
C LEU B 146 24.70 -25.88 17.75
N ALA B 147 25.32 -24.74 17.44
CA ALA B 147 26.55 -24.33 18.10
C ALA B 147 26.59 -22.82 18.24
N SER B 148 27.43 -22.35 19.16
CA SER B 148 27.59 -20.92 19.41
C SER B 148 29.01 -20.60 19.84
N ALA B 149 29.95 -20.76 18.91
CA ALA B 149 31.34 -20.46 19.20
C ALA B 149 31.63 -19.09 18.63
N SER B 150 32.54 -18.36 19.27
CA SER B 150 32.89 -17.04 18.79
C SER B 150 34.38 -16.93 18.53
N ASP B 151 34.75 -15.96 17.69
CA ASP B 151 36.16 -15.75 17.39
C ASP B 151 36.43 -14.61 16.42
N GLY B 152 35.57 -14.48 15.40
CA GLY B 152 35.73 -13.41 14.43
C GLY B 152 35.46 -12.11 15.16
N GLN B 153 36.13 -11.96 16.30
CA GLN B 153 35.98 -10.80 17.16
C GLN B 153 34.63 -10.93 17.86
N GLN B 154 33.69 -11.62 17.21
CA GLN B 154 32.36 -11.81 17.78
C GLN B 154 31.80 -13.24 17.74
N HIS B 155 30.52 -13.35 18.08
CA HIS B 155 29.83 -14.64 18.17
C HIS B 155 29.12 -15.09 16.90
N TRP B 156 29.49 -16.28 16.42
CA TRP B 156 28.86 -16.85 15.23
C TRP B 156 27.89 -17.95 15.64
N LEU B 157 26.73 -17.98 14.98
CA LEU B 157 25.72 -18.99 15.27
C LEU B 157 25.54 -19.99 14.15
N TRP B 158 25.22 -21.22 14.52
CA TRP B 158 24.96 -22.28 13.56
C TRP B 158 23.50 -22.66 13.79
N LEU B 159 22.64 -22.25 12.87
CA LEU B 159 21.21 -22.53 13.00
C LEU B 159 20.70 -23.65 12.08
N ARG B 160 19.90 -24.53 12.67
CA ARG B 160 19.30 -25.64 11.95
C ARG B 160 17.82 -25.34 11.79
N PHE B 161 17.37 -25.24 10.54
CA PHE B 161 15.96 -24.96 10.30
C PHE B 161 15.13 -26.15 10.74
N ALA B 162 13.95 -25.89 11.30
CA ALA B 162 13.07 -26.97 11.69
C ALA B 162 12.59 -27.50 10.35
N PRO B 163 12.15 -28.77 10.28
CA PRO B 163 11.67 -29.35 9.01
C PRO B 163 10.78 -28.38 8.22
N LEU B 164 11.19 -28.07 7.00
CA LEU B 164 10.48 -27.14 6.13
C LEU B 164 9.18 -27.64 5.52
N GLY B 165 9.12 -28.93 5.26
CA GLY B 165 7.94 -29.50 4.63
C GLY B 165 8.29 -29.56 3.16
N THR B 166 7.60 -30.40 2.40
CA THR B 166 7.86 -30.60 0.97
C THR B 166 7.95 -29.32 0.14
N GLY B 167 6.87 -28.55 0.09
CA GLY B 167 6.84 -27.33 -0.70
C GLY B 167 7.92 -26.30 -0.40
N LEU B 168 8.01 -25.88 0.86
CA LEU B 168 9.00 -24.88 1.24
C LEU B 168 10.42 -25.38 1.01
N GLN B 169 10.65 -26.68 1.21
CA GLN B 169 11.99 -27.19 1.00
C GLN B 169 12.34 -27.11 -0.49
N ASP B 170 11.39 -27.50 -1.34
CA ASP B 170 11.63 -27.45 -2.78
C ASP B 170 11.90 -26.00 -3.20
N ALA B 171 11.16 -25.08 -2.59
CA ALA B 171 11.32 -23.65 -2.89
C ALA B 171 12.71 -23.17 -2.50
N LEU B 172 13.11 -23.49 -1.27
CA LEU B 172 14.41 -23.07 -0.77
C LEU B 172 15.57 -23.62 -1.61
N GLU B 173 15.50 -24.89 -2.02
CA GLU B 173 16.57 -25.49 -2.81
C GLU B 173 16.69 -24.79 -4.16
N ARG B 174 15.55 -24.48 -4.77
CA ARG B 174 15.53 -23.79 -6.05
C ARG B 174 16.13 -22.40 -5.86
N HIS B 175 15.78 -21.74 -4.75
CA HIS B 175 16.29 -20.41 -4.47
C HIS B 175 17.82 -20.45 -4.37
N LEU B 176 18.32 -21.36 -3.55
CA LEU B 176 19.77 -21.49 -3.37
C LEU B 176 20.49 -21.89 -4.66
N PHE B 177 19.90 -22.82 -5.42
CA PHE B 177 20.53 -23.26 -6.66
C PHE B 177 20.63 -22.10 -7.64
N ARG B 178 19.53 -21.36 -7.78
CA ARG B 178 19.46 -20.22 -8.68
C ARG B 178 20.45 -19.16 -8.21
N LEU B 179 20.45 -18.92 -6.91
CA LEU B 179 21.34 -17.94 -6.29
C LEU B 179 22.80 -18.30 -6.52
N HIS B 180 23.10 -19.59 -6.47
CA HIS B 180 24.46 -20.05 -6.66
C HIS B 180 24.97 -19.87 -8.10
N ARG B 181 24.14 -20.18 -9.07
CA ARG B 181 24.55 -20.02 -10.46
C ARG B 181 24.76 -18.55 -10.77
N ARG B 182 23.89 -17.68 -10.23
CA ARG B 182 24.00 -16.24 -10.44
C ARG B 182 25.39 -15.84 -10.01
N GLN B 183 25.76 -16.30 -8.81
CA GLN B 183 27.04 -16.01 -8.19
C GLN B 183 28.20 -16.66 -8.94
N ILE B 184 28.01 -17.91 -9.36
CA ILE B 184 29.05 -18.63 -10.09
C ILE B 184 29.10 -18.19 -11.55
N ALA B 185 28.69 -16.93 -11.77
CA ALA B 185 28.69 -16.35 -13.11
C ALA B 185 28.86 -14.85 -13.01
N ALA C 3 12.58 29.49 -23.98
CA ALA C 3 13.84 29.08 -24.66
C ALA C 3 14.84 30.22 -24.69
N MET C 4 16.10 29.89 -24.96
CA MET C 4 17.18 30.87 -25.02
C MET C 4 17.52 31.49 -23.67
N SER C 5 17.77 30.63 -22.67
CA SER C 5 18.12 31.11 -21.33
C SER C 5 19.63 31.32 -21.26
N THR C 6 20.06 32.45 -20.71
CA THR C 6 21.49 32.76 -20.63
C THR C 6 22.25 32.05 -19.51
N LEU C 7 21.55 31.26 -18.70
CA LEU C 7 22.20 30.53 -17.62
C LEU C 7 23.37 29.72 -18.15
N GLY C 8 23.31 29.37 -19.43
CA GLY C 8 24.38 28.60 -20.05
C GLY C 8 25.68 29.37 -20.18
N THR C 9 25.61 30.70 -20.09
CA THR C 9 26.80 31.54 -20.21
C THR C 9 27.65 31.46 -18.94
N LEU C 10 27.08 30.89 -17.89
CA LEU C 10 27.77 30.73 -16.62
C LEU C 10 28.71 29.52 -16.66
N ALA C 11 28.40 28.57 -17.53
CA ALA C 11 29.21 27.36 -17.67
C ALA C 11 29.13 26.85 -19.10
N PRO C 12 29.58 27.67 -20.06
CA PRO C 12 29.58 27.35 -21.49
C PRO C 12 29.93 25.90 -21.82
N ALA C 13 31.12 25.48 -21.41
CA ALA C 13 31.57 24.13 -21.69
C ALA C 13 30.66 23.04 -21.12
N ALA C 14 30.13 23.29 -19.93
CA ALA C 14 29.24 22.31 -19.29
C ALA C 14 27.89 22.27 -20.01
N ASP C 15 27.33 23.44 -20.30
CA ASP C 15 26.04 23.55 -20.98
C ASP C 15 26.10 22.85 -22.34
N THR C 16 27.22 23.03 -23.04
CA THR C 16 27.41 22.40 -24.34
C THR C 16 27.50 20.87 -24.17
N GLU C 17 28.27 20.41 -23.19
CA GLU C 17 28.40 18.97 -22.98
C GLU C 17 27.04 18.30 -22.74
N LEU C 18 26.23 18.89 -21.88
CA LEU C 18 24.93 18.33 -21.54
C LEU C 18 23.82 18.51 -22.56
N PHE C 19 23.74 19.68 -23.19
CA PHE C 19 22.64 19.95 -24.11
C PHE C 19 22.86 20.06 -25.61
N ALA C 20 24.10 20.21 -26.06
CA ALA C 20 24.33 20.34 -27.49
C ALA C 20 23.93 19.10 -28.29
N ASP C 21 23.22 19.31 -29.39
CA ASP C 21 22.80 18.23 -30.29
C ASP C 21 21.98 17.12 -29.64
N THR C 22 21.16 17.47 -28.66
CA THR C 22 20.30 16.50 -28.02
C THR C 22 19.09 17.20 -27.46
N LEU C 23 17.97 16.48 -27.41
CA LEU C 23 16.73 17.04 -26.91
C LEU C 23 16.95 17.51 -25.48
N SER C 24 16.77 18.81 -25.26
CA SER C 24 16.94 19.39 -23.93
C SER C 24 15.69 20.16 -23.64
N CYS C 25 15.05 19.85 -22.52
CA CYS C 25 13.82 20.51 -22.13
C CYS C 25 13.98 21.41 -20.92
N GLU C 26 13.36 22.59 -21.00
CA GLU C 26 13.38 23.58 -19.93
C GLU C 26 12.01 23.50 -19.27
N LEU C 27 11.93 22.97 -18.06
CA LEU C 27 10.65 22.88 -17.38
C LEU C 27 10.75 23.04 -15.86
N ARG C 28 9.60 23.17 -15.22
CA ARG C 28 9.53 23.33 -13.77
C ARG C 28 8.95 22.06 -13.16
N LEU C 29 9.64 21.54 -12.16
CA LEU C 29 9.17 20.33 -11.49
C LEU C 29 10.00 20.13 -10.22
N PRO C 30 9.50 19.32 -9.28
CA PRO C 30 10.30 19.13 -8.07
C PRO C 30 11.64 18.49 -8.38
N ALA C 31 12.72 19.22 -8.08
CA ALA C 31 14.07 18.76 -8.35
C ALA C 31 15.05 19.08 -7.24
N GLY C 32 16.09 18.25 -7.13
CA GLY C 32 17.09 18.45 -6.11
C GLY C 32 18.34 17.62 -6.35
N PHE C 33 19.41 17.93 -5.64
CA PHE C 33 20.67 17.21 -5.74
C PHE C 33 21.18 16.96 -4.33
N HIS C 34 21.64 15.75 -4.07
CA HIS C 34 22.16 15.36 -2.76
C HIS C 34 23.47 14.61 -2.92
N VAL C 35 24.46 14.98 -2.12
CA VAL C 35 25.77 14.35 -2.19
C VAL C 35 25.78 12.94 -1.66
N THR C 36 25.00 12.69 -0.61
CA THR C 36 24.99 11.35 -0.05
C THR C 36 23.91 10.48 -0.70
N ALA C 37 24.31 9.90 -1.84
CA ALA C 37 23.47 9.05 -2.66
C ALA C 37 22.74 7.92 -1.93
N ASP C 38 21.93 7.21 -2.72
CA ASP C 38 21.09 6.08 -2.29
C ASP C 38 20.05 5.92 -3.40
N PRO C 39 20.46 6.15 -4.66
CA PRO C 39 19.58 6.05 -5.83
C PRO C 39 18.83 4.75 -6.00
N GLY C 40 19.57 3.65 -5.91
CA GLY C 40 18.96 2.36 -6.10
C GLY C 40 19.50 1.83 -7.42
N SER C 41 18.69 1.06 -8.14
CA SER C 41 19.14 0.48 -9.39
C SER C 41 18.64 1.18 -10.66
N HIS C 42 19.28 0.87 -11.77
CA HIS C 42 18.89 1.41 -13.06
C HIS C 42 17.49 0.89 -13.37
N ALA C 43 17.27 -0.38 -13.08
CA ALA C 43 15.99 -1.06 -13.32
C ALA C 43 14.82 -0.39 -12.58
N THR C 44 15.07 0.10 -11.38
CA THR C 44 14.02 0.77 -10.60
C THR C 44 13.63 2.07 -11.31
N ALA C 45 14.65 2.82 -11.73
CA ALA C 45 14.42 4.07 -12.45
C ALA C 45 13.71 3.75 -13.76
N GLU C 46 14.24 2.80 -14.53
CA GLU C 46 13.62 2.43 -15.80
C GLU C 46 12.16 2.00 -15.61
N THR C 47 11.92 1.16 -14.61
CA THR C 47 10.56 0.67 -14.35
C THR C 47 9.63 1.82 -14.01
N LEU C 48 10.11 2.76 -13.20
CA LEU C 48 9.32 3.91 -12.84
C LEU C 48 8.89 4.70 -14.09
N LEU C 49 9.86 5.02 -14.95
CA LEU C 49 9.61 5.79 -16.16
C LEU C 49 8.68 5.09 -17.15
N ARG C 50 8.95 3.82 -17.43
CA ARG C 50 8.13 3.09 -18.37
C ARG C 50 6.71 2.88 -17.86
N SER C 51 6.59 2.42 -16.62
CA SER C 51 5.27 2.19 -16.03
C SER C 51 4.47 3.48 -16.03
N LEU C 52 5.16 4.56 -15.70
CA LEU C 52 4.56 5.89 -15.65
C LEU C 52 4.00 6.25 -17.03
N GLY C 53 4.74 5.91 -18.08
CA GLY C 53 4.29 6.22 -19.42
C GLY C 53 3.05 5.43 -19.82
N GLN C 54 3.05 4.15 -19.48
CA GLN C 54 1.93 3.30 -19.83
C GLN C 54 0.63 3.72 -19.18
N VAL C 55 0.72 4.35 -18.02
CA VAL C 55 -0.48 4.79 -17.31
C VAL C 55 -0.95 6.21 -17.68
N GLU C 56 -0.01 7.07 -18.02
CA GLU C 56 -0.34 8.46 -18.35
C GLU C 56 -0.77 8.80 -19.77
N ASP C 57 -0.81 10.11 -20.02
CA ASP C 57 -1.18 10.75 -21.29
C ASP C 57 -2.64 10.50 -21.70
N LEU C 58 -3.54 11.03 -20.86
CA LEU C 58 -5.01 10.93 -21.03
C LEU C 58 -5.50 9.68 -21.78
N GLU C 65 -14.48 0.30 -24.08
CA GLU C 65 -13.22 -0.44 -24.37
C GLU C 65 -13.01 -1.66 -23.45
N GLU C 66 -13.47 -1.57 -22.19
CA GLU C 66 -13.28 -2.67 -21.24
C GLU C 66 -14.42 -3.68 -21.38
N ARG C 67 -15.64 -3.18 -21.51
CA ARG C 67 -16.81 -4.03 -21.66
C ARG C 67 -16.67 -4.91 -22.90
N GLY C 68 -15.84 -4.44 -23.84
CA GLY C 68 -15.60 -5.20 -25.05
C GLY C 68 -14.18 -5.72 -25.04
N GLU C 69 -13.96 -6.90 -25.61
CA GLU C 69 -12.63 -7.50 -25.67
C GLU C 69 -12.17 -7.93 -24.27
N LEU C 70 -13.01 -7.67 -23.27
CA LEU C 70 -12.71 -8.01 -21.89
C LEU C 70 -13.98 -8.24 -21.08
N PRO C 71 -13.97 -9.20 -20.14
CA PRO C 71 -15.14 -9.48 -19.31
C PRO C 71 -15.48 -8.32 -18.38
N LEU C 72 -15.79 -8.61 -17.12
CA LEU C 72 -16.10 -7.56 -16.16
C LEU C 72 -15.34 -7.79 -14.85
N LEU C 73 -14.94 -9.03 -14.62
CA LEU C 73 -14.18 -9.36 -13.42
C LEU C 73 -12.84 -8.64 -13.52
N VAL C 74 -12.32 -8.53 -14.73
CA VAL C 74 -11.03 -7.88 -14.95
C VAL C 74 -11.15 -6.36 -14.87
N GLN C 75 -12.31 -5.81 -15.22
CA GLN C 75 -12.52 -4.36 -15.13
C GLN C 75 -12.47 -3.96 -13.66
N ARG C 76 -13.13 -4.75 -12.81
CA ARG C 76 -13.16 -4.48 -11.37
C ARG C 76 -11.74 -4.56 -10.82
N MET C 77 -11.00 -5.60 -11.19
CA MET C 77 -9.61 -5.75 -10.74
C MET C 77 -8.84 -4.48 -11.11
N ASP C 78 -8.95 -4.05 -12.36
CA ASP C 78 -8.27 -2.82 -12.81
C ASP C 78 -8.71 -1.60 -11.96
N ALA C 79 -9.99 -1.56 -11.59
CA ALA C 79 -10.51 -0.48 -10.77
C ALA C 79 -9.81 -0.48 -9.42
N LYS C 80 -9.72 -1.66 -8.82
CA LYS C 80 -9.08 -1.83 -7.53
C LYS C 80 -7.61 -1.41 -7.57
N LEU C 81 -6.94 -1.68 -8.69
CA LEU C 81 -5.54 -1.29 -8.82
C LEU C 81 -5.41 0.23 -8.82
N ASP C 82 -6.30 0.89 -9.55
CA ASP C 82 -6.31 2.35 -9.63
C ASP C 82 -6.49 2.91 -8.23
N LEU C 83 -7.38 2.30 -7.45
CA LEU C 83 -7.64 2.73 -6.06
C LEU C 83 -6.43 2.48 -5.16
N ILE C 84 -5.88 1.28 -5.21
CA ILE C 84 -4.71 0.96 -4.40
C ILE C 84 -3.59 1.95 -4.71
N LEU C 85 -3.35 2.18 -6.00
CA LEU C 85 -2.30 3.09 -6.44
C LEU C 85 -2.52 4.48 -5.86
N ALA C 86 -3.73 4.99 -5.96
CA ALA C 86 -4.04 6.30 -5.42
C ALA C 86 -3.83 6.33 -3.90
N LEU C 87 -4.29 5.31 -3.20
CA LEU C 87 -4.13 5.26 -1.74
C LEU C 87 -2.66 5.14 -1.33
N ILE C 88 -1.87 4.36 -2.05
CA ILE C 88 -0.46 4.24 -1.70
C ILE C 88 0.21 5.60 -1.94
N GLY C 89 -0.23 6.30 -2.99
CA GLY C 89 0.33 7.61 -3.28
C GLY C 89 -0.01 8.59 -2.17
N ARG C 90 -1.22 8.46 -1.64
CA ARG C 90 -1.67 9.32 -0.56
C ARG C 90 -0.83 9.04 0.68
N LEU C 91 -0.56 7.76 0.94
CA LEU C 91 0.22 7.37 2.10
C LEU C 91 1.60 8.04 2.06
N VAL C 92 2.27 7.91 0.92
CA VAL C 92 3.58 8.48 0.74
C VAL C 92 3.63 9.99 0.98
N ARG C 93 2.65 10.72 0.47
CA ARG C 93 2.64 12.17 0.67
C ARG C 93 2.58 12.50 2.17
N GLN C 94 2.03 11.59 2.96
CA GLN C 94 1.92 11.80 4.40
C GLN C 94 3.29 11.92 5.10
N SER C 95 4.23 11.08 4.70
CA SER C 95 5.54 11.09 5.35
C SER C 95 6.69 11.74 4.60
N ASP C 96 6.86 11.38 3.33
CA ASP C 96 7.97 11.91 2.55
C ASP C 96 8.07 13.43 2.47
N THR C 97 9.30 13.91 2.46
CA THR C 97 9.59 15.34 2.36
C THR C 97 9.65 15.63 0.87
N ARG C 98 8.85 16.57 0.41
CA ARG C 98 8.82 16.89 -1.02
C ARG C 98 10.02 17.74 -1.44
N LEU C 99 10.40 17.60 -2.70
CA LEU C 99 11.51 18.38 -3.24
C LEU C 99 10.93 19.76 -3.54
N ALA C 100 11.79 20.76 -3.63
CA ALA C 100 11.33 22.10 -3.94
C ALA C 100 11.13 22.25 -5.44
N LEU C 101 10.11 23.01 -5.82
CA LEU C 101 9.82 23.26 -7.23
C LEU C 101 10.90 24.16 -7.84
N GLY C 102 11.35 23.81 -9.03
CA GLY C 102 12.36 24.62 -9.67
C GLY C 102 12.42 24.48 -11.18
N THR C 103 12.93 25.52 -11.83
CA THR C 103 13.07 25.51 -13.27
C THR C 103 14.38 24.78 -13.53
N VAL C 104 14.33 23.81 -14.44
CA VAL C 104 15.50 23.01 -14.76
C VAL C 104 15.62 22.81 -16.27
N HIS C 105 16.82 22.44 -16.71
CA HIS C 105 17.07 22.16 -18.12
C HIS C 105 17.52 20.71 -18.09
N TRP C 106 16.67 19.85 -18.62
CA TRP C 106 16.88 18.40 -18.61
C TRP C 106 17.07 17.73 -19.96
N SER C 107 18.14 16.93 -20.08
CA SER C 107 18.43 16.18 -21.29
C SER C 107 18.78 14.76 -20.82
N VAL C 108 18.98 13.85 -21.76
CA VAL C 108 19.31 12.48 -21.46
C VAL C 108 20.68 12.39 -20.78
N ARG C 109 21.53 13.37 -21.05
CA ARG C 109 22.88 13.41 -20.50
C ARG C 109 23.01 13.93 -19.07
N GLY C 110 22.20 14.93 -18.74
CA GLY C 110 22.26 15.53 -17.41
C GLY C 110 21.20 16.60 -17.20
N ILE C 111 21.41 17.44 -16.19
CA ILE C 111 20.46 18.48 -15.86
C ILE C 111 21.10 19.71 -15.22
N ARG C 112 20.47 20.86 -15.47
CA ARG C 112 20.92 22.13 -14.92
C ARG C 112 19.78 22.54 -14.00
N LEU C 113 20.06 22.61 -12.70
CA LEU C 113 19.07 22.99 -11.71
C LEU C 113 19.67 23.85 -10.60
N ALA C 114 18.81 24.55 -9.88
CA ALA C 114 19.24 25.40 -8.79
C ALA C 114 19.40 24.58 -7.50
N SER C 115 20.37 24.93 -6.67
CA SER C 115 20.62 24.20 -5.44
C SER C 115 20.90 25.15 -4.27
N PRO C 116 20.33 24.85 -3.09
CA PRO C 116 20.49 25.66 -1.88
C PRO C 116 21.95 26.02 -1.58
N HIS C 117 22.85 25.07 -1.85
CA HIS C 117 24.27 25.25 -1.62
C HIS C 117 25.07 24.87 -2.87
N ALA C 118 26.15 25.60 -3.13
CA ALA C 118 26.99 25.31 -4.28
C ALA C 118 27.77 24.04 -3.98
N HIS C 119 28.31 23.42 -5.03
CA HIS C 119 29.10 22.21 -4.88
C HIS C 119 30.15 22.25 -5.98
N PRO C 120 31.44 22.18 -5.60
CA PRO C 120 32.50 22.21 -6.60
C PRO C 120 32.41 21.13 -7.65
N PRO C 121 32.81 21.44 -8.89
CA PRO C 121 32.75 20.44 -9.96
C PRO C 121 33.55 19.22 -9.50
N GLY C 122 33.00 18.04 -9.73
CA GLY C 122 33.67 16.83 -9.31
C GLY C 122 32.91 16.19 -8.17
N THR C 123 32.07 16.98 -7.50
CA THR C 123 31.27 16.44 -6.42
C THR C 123 30.36 15.36 -7.01
N THR C 124 30.26 14.25 -6.31
CA THR C 124 29.44 13.14 -6.77
C THR C 124 28.21 13.07 -5.90
N GLY C 125 27.12 12.56 -6.47
CA GLY C 125 25.88 12.45 -5.72
C GLY C 125 24.70 11.96 -6.54
N SER C 126 23.50 12.36 -6.15
CA SER C 126 22.31 11.96 -6.86
C SER C 126 21.34 13.07 -7.12
N VAL C 127 20.88 13.17 -8.37
CA VAL C 127 19.88 14.14 -8.74
C VAL C 127 18.54 13.51 -8.36
N LEU C 128 17.72 14.23 -7.60
CA LEU C 128 16.40 13.72 -7.22
C LEU C 128 15.36 14.49 -8.00
N LEU C 129 14.41 13.77 -8.60
CA LEU C 129 13.39 14.36 -9.43
C LEU C 129 12.03 13.66 -9.26
N GLN C 130 10.95 14.44 -9.27
CA GLN C 130 9.60 13.84 -9.20
C GLN C 130 9.08 14.02 -10.62
N PRO C 131 9.22 12.99 -11.45
CA PRO C 131 8.79 12.98 -12.85
C PRO C 131 7.33 13.21 -13.15
N SER C 132 6.47 12.53 -12.39
CA SER C 132 5.03 12.62 -12.59
C SER C 132 4.37 13.90 -12.11
N ASP C 133 3.73 13.82 -10.95
CA ASP C 133 3.01 14.92 -10.35
C ASP C 133 1.85 14.30 -9.57
N TRP C 134 1.12 13.39 -10.21
CA TRP C 134 0.02 12.71 -9.53
C TRP C 134 0.57 11.55 -8.71
N LEU C 135 1.80 11.14 -9.01
CA LEU C 135 2.45 10.03 -8.30
C LEU C 135 3.66 10.58 -7.54
N PRO C 136 3.63 10.52 -6.21
CA PRO C 136 4.72 11.03 -5.37
C PRO C 136 5.96 10.14 -5.32
N GLU C 137 6.42 9.67 -6.47
CA GLU C 137 7.61 8.83 -6.49
C GLU C 137 8.76 9.60 -7.12
N LEU C 138 9.96 9.37 -6.61
CA LEU C 138 11.11 10.08 -7.14
C LEU C 138 12.03 9.25 -8.01
N LEU C 139 12.56 9.91 -9.03
CA LEU C 139 13.51 9.30 -9.93
C LEU C 139 14.86 9.76 -9.36
N GLN C 140 15.73 8.83 -9.00
CA GLN C 140 17.04 9.22 -8.49
C GLN C 140 18.06 8.79 -9.51
N LEU C 141 18.95 9.70 -9.87
CA LEU C 141 19.98 9.41 -10.85
C LEU C 141 21.38 9.85 -10.40
N PRO C 142 22.28 8.88 -10.16
CA PRO C 142 23.65 9.19 -9.73
C PRO C 142 24.24 10.16 -10.76
N ALA C 143 24.97 11.17 -10.29
CA ALA C 143 25.56 12.15 -11.19
C ALA C 143 26.78 12.87 -10.60
N ASP C 144 27.54 13.52 -11.47
CA ASP C 144 28.72 14.28 -11.04
C ASP C 144 28.51 15.75 -11.42
N VAL C 145 29.05 16.64 -10.59
CA VAL C 145 28.94 18.06 -10.87
C VAL C 145 29.98 18.46 -11.90
N LEU C 146 29.51 18.96 -13.05
CA LEU C 146 30.40 19.40 -14.13
C LEU C 146 30.76 20.86 -13.87
N ALA C 147 29.76 21.66 -13.51
CA ALA C 147 29.97 23.07 -13.24
C ALA C 147 29.10 23.58 -12.11
N SER C 148 29.58 24.61 -11.43
CA SER C 148 28.90 25.25 -10.32
C SER C 148 29.11 26.76 -10.43
N ALA C 149 28.02 27.51 -10.48
CA ALA C 149 28.12 28.95 -10.60
C ALA C 149 26.87 29.65 -10.09
N SER C 150 27.00 30.94 -9.85
CA SER C 150 25.88 31.74 -9.37
C SER C 150 25.47 32.80 -10.39
N ASP C 151 24.22 33.23 -10.32
CA ASP C 151 23.73 34.26 -11.23
C ASP C 151 23.42 35.51 -10.42
N GLY C 152 23.57 35.39 -9.10
CA GLY C 152 23.31 36.51 -8.23
C GLY C 152 22.32 36.25 -7.10
N GLN C 153 21.40 35.30 -7.31
CA GLN C 153 20.43 34.98 -6.28
C GLN C 153 20.23 33.47 -6.09
N GLN C 154 20.85 32.67 -6.96
CA GLN C 154 20.76 31.23 -6.86
C GLN C 154 22.05 30.55 -7.30
N HIS C 155 22.39 29.43 -6.67
CA HIS C 155 23.58 28.67 -7.03
C HIS C 155 23.13 27.65 -8.07
N TRP C 156 23.76 27.66 -9.25
CA TRP C 156 23.37 26.72 -10.29
C TRP C 156 24.39 25.60 -10.46
N LEU C 157 23.86 24.41 -10.68
CA LEU C 157 24.66 23.22 -10.86
C LEU C 157 24.36 22.58 -12.20
N TRP C 158 25.41 22.07 -12.83
CA TRP C 158 25.29 21.35 -14.09
C TRP C 158 25.72 19.95 -13.70
N LEU C 159 24.78 19.02 -13.74
CA LEU C 159 25.07 17.64 -13.37
C LEU C 159 25.01 16.72 -14.59
N ARG C 160 26.00 15.84 -14.69
CA ARG C 160 26.06 14.86 -15.79
C ARG C 160 25.75 13.51 -15.18
N PHE C 161 24.71 12.84 -15.67
CA PHE C 161 24.33 11.53 -15.13
C PHE C 161 25.41 10.49 -15.40
N ALA C 162 25.58 9.57 -14.46
CA ALA C 162 26.53 8.48 -14.63
C ALA C 162 25.86 7.62 -15.70
N PRO C 163 26.62 6.78 -16.42
CA PRO C 163 25.98 5.95 -17.47
C PRO C 163 24.69 5.33 -16.98
N LEU C 164 23.62 5.51 -17.76
CA LEU C 164 22.29 5.02 -17.43
C LEU C 164 22.01 3.57 -17.86
N GLY C 165 22.85 3.00 -18.70
CA GLY C 165 22.59 1.64 -19.14
C GLY C 165 21.57 1.71 -20.28
N THR C 166 21.59 0.71 -21.17
CA THR C 166 20.70 0.67 -22.33
C THR C 166 19.22 0.90 -22.06
N GLY C 167 18.65 0.11 -21.13
CA GLY C 167 17.25 0.21 -20.78
C GLY C 167 16.79 1.54 -20.19
N LEU C 168 17.48 2.03 -19.16
CA LEU C 168 17.10 3.28 -18.55
C LEU C 168 17.30 4.44 -19.53
N GLN C 169 18.40 4.43 -20.28
CA GLN C 169 18.61 5.51 -21.24
C GLN C 169 17.40 5.58 -22.18
N ASP C 170 17.00 4.44 -22.70
CA ASP C 170 15.87 4.40 -23.62
C ASP C 170 14.60 4.96 -23.00
N ALA C 171 14.28 4.52 -21.78
CA ALA C 171 13.10 4.98 -21.07
C ALA C 171 13.17 6.51 -20.85
N LEU C 172 14.37 7.01 -20.56
CA LEU C 172 14.53 8.44 -20.32
C LEU C 172 14.35 9.25 -21.60
N GLU C 173 14.92 8.73 -22.70
CA GLU C 173 14.79 9.42 -23.99
C GLU C 173 13.31 9.51 -24.36
N ARG C 174 12.60 8.38 -24.22
CA ARG C 174 11.17 8.37 -24.54
C ARG C 174 10.46 9.37 -23.63
N HIS C 175 10.80 9.34 -22.35
CA HIS C 175 10.18 10.25 -21.40
C HIS C 175 10.35 11.70 -21.80
N LEU C 176 11.58 12.10 -22.12
CA LEU C 176 11.86 13.47 -22.52
C LEU C 176 11.12 13.81 -23.82
N PHE C 177 11.16 12.90 -24.78
CA PHE C 177 10.48 13.14 -26.05
C PHE C 177 9.01 13.40 -25.79
N ARG C 178 8.36 12.54 -25.00
CA ARG C 178 6.93 12.76 -24.69
C ARG C 178 6.68 14.13 -24.05
N LEU C 179 7.43 14.43 -22.99
CA LEU C 179 7.27 15.71 -22.30
C LEU C 179 7.33 16.87 -23.28
N HIS C 180 8.25 16.76 -24.23
CA HIS C 180 8.45 17.81 -25.21
C HIS C 180 7.26 18.03 -26.15
N ARG C 181 6.73 16.95 -26.73
CA ARG C 181 5.61 17.10 -27.63
C ARG C 181 4.40 17.61 -26.88
N ARG C 182 4.28 17.22 -25.61
CA ARG C 182 3.15 17.67 -24.80
C ARG C 182 3.26 19.15 -24.47
N GLN C 183 4.45 19.62 -24.08
CA GLN C 183 4.62 21.04 -23.76
C GLN C 183 4.26 21.86 -25.01
N ILE C 184 4.74 21.40 -26.16
CA ILE C 184 4.46 22.07 -27.42
C ILE C 184 2.98 21.88 -27.74
N ALA C 185 2.46 20.71 -27.38
CA ALA C 185 1.06 20.39 -27.63
C ALA C 185 0.14 21.40 -26.99
N ASP C 186 0.24 21.56 -25.68
CA ASP C 186 -0.63 22.52 -24.98
C ASP C 186 -0.16 23.96 -25.20
N ALA C 187 0.19 24.26 -26.45
CA ALA C 187 0.64 25.60 -26.85
C ALA C 187 -0.03 25.96 -28.17
N SER D 5 -34.53 21.91 2.98
CA SER D 5 -33.41 22.85 3.23
C SER D 5 -33.75 24.26 2.74
N THR D 6 -33.55 25.25 3.61
CA THR D 6 -33.85 26.64 3.27
C THR D 6 -32.57 27.45 3.07
N LEU D 7 -31.43 26.79 3.21
CA LEU D 7 -30.13 27.44 3.06
C LEU D 7 -30.01 28.21 1.76
N GLY D 8 -30.78 27.79 0.75
CA GLY D 8 -30.75 28.47 -0.54
C GLY D 8 -31.19 29.92 -0.45
N THR D 9 -32.18 30.19 0.40
CA THR D 9 -32.67 31.55 0.55
C THR D 9 -31.57 32.49 1.03
N LEU D 10 -30.48 31.93 1.55
CA LEU D 10 -29.35 32.74 2.02
C LEU D 10 -28.54 33.28 0.84
N ALA D 11 -28.66 32.62 -0.30
CA ALA D 11 -27.95 33.05 -1.51
C ALA D 11 -28.69 32.48 -2.73
N PRO D 12 -29.89 33.01 -3.01
CA PRO D 12 -30.78 32.61 -4.10
C PRO D 12 -30.09 32.51 -5.46
N ALA D 13 -29.33 33.53 -5.81
CA ALA D 13 -28.61 33.58 -7.08
C ALA D 13 -27.64 32.40 -7.24
N ALA D 14 -26.83 32.17 -6.20
CA ALA D 14 -25.87 31.08 -6.24
C ALA D 14 -26.58 29.72 -6.23
N ASP D 15 -27.56 29.56 -5.35
CA ASP D 15 -28.31 28.30 -5.27
C ASP D 15 -28.93 27.95 -6.62
N THR D 16 -29.47 28.97 -7.30
CA THR D 16 -30.08 28.79 -8.61
C THR D 16 -29.01 28.42 -9.63
N GLU D 17 -27.89 29.13 -9.61
CA GLU D 17 -26.83 28.83 -10.58
C GLU D 17 -26.31 27.39 -10.45
N LEU D 18 -26.18 26.91 -9.24
CA LEU D 18 -25.65 25.56 -9.01
C LEU D 18 -26.64 24.41 -9.06
N PHE D 19 -27.89 24.65 -8.67
CA PHE D 19 -28.82 23.54 -8.61
C PHE D 19 -30.05 23.60 -9.50
N ALA D 20 -30.24 24.72 -10.18
CA ALA D 20 -31.39 24.88 -11.06
C ALA D 20 -31.30 23.99 -12.29
N ASP D 21 -32.39 23.26 -12.54
CA ASP D 21 -32.50 22.38 -13.69
C ASP D 21 -31.43 21.30 -13.81
N THR D 22 -30.94 20.79 -12.68
CA THR D 22 -29.95 19.72 -12.69
C THR D 22 -30.12 18.86 -11.44
N LEU D 23 -29.71 17.61 -11.50
CA LEU D 23 -29.80 16.72 -10.35
C LEU D 23 -28.91 17.31 -9.24
N SER D 24 -29.50 17.52 -8.07
CA SER D 24 -28.81 18.07 -6.89
C SER D 24 -29.11 17.19 -5.68
N CYS D 25 -28.08 16.57 -5.12
CA CYS D 25 -28.25 15.68 -3.99
C CYS D 25 -27.85 16.33 -2.66
N GLU D 26 -28.74 16.20 -1.67
CA GLU D 26 -28.48 16.70 -0.33
C GLU D 26 -28.10 15.46 0.46
N LEU D 27 -26.85 15.43 0.93
CA LEU D 27 -26.40 14.26 1.69
C LEU D 27 -25.31 14.67 2.67
N ARG D 28 -24.92 13.73 3.52
CA ARG D 28 -23.87 13.97 4.51
C ARG D 28 -22.59 13.25 4.11
N LEU D 29 -21.49 14.00 4.08
CA LEU D 29 -20.20 13.41 3.76
C LEU D 29 -19.08 14.37 4.10
N PRO D 30 -17.87 13.84 4.30
CA PRO D 30 -16.77 14.74 4.61
C PRO D 30 -16.47 15.61 3.39
N ALA D 31 -16.53 16.92 3.59
CA ALA D 31 -16.27 17.86 2.51
C ALA D 31 -15.74 19.18 3.02
N GLY D 32 -14.79 19.75 2.28
CA GLY D 32 -14.21 21.02 2.66
C GLY D 32 -13.72 21.80 1.45
N PHE D 33 -13.52 23.09 1.63
CA PHE D 33 -13.00 23.98 0.59
C PHE D 33 -11.73 24.58 1.16
N HIS D 34 -10.65 24.53 0.39
CA HIS D 34 -9.37 25.06 0.83
C HIS D 34 -8.77 25.98 -0.22
N VAL D 35 -8.46 27.21 0.17
CA VAL D 35 -7.88 28.18 -0.75
C VAL D 35 -6.49 27.69 -1.17
N THR D 36 -6.30 27.46 -2.46
CA THR D 36 -5.01 26.99 -2.97
C THR D 36 -4.95 27.19 -4.49
N ALA D 37 -3.73 27.15 -5.03
CA ALA D 37 -3.50 27.31 -6.46
C ALA D 37 -3.10 25.95 -7.04
N ASP D 38 -3.64 24.90 -6.44
CA ASP D 38 -3.39 23.52 -6.85
C ASP D 38 -4.38 23.19 -7.97
N PRO D 39 -3.92 23.15 -9.22
CA PRO D 39 -4.80 22.83 -10.36
C PRO D 39 -5.39 21.41 -10.32
N GLY D 40 -5.01 20.64 -9.31
CA GLY D 40 -5.50 19.28 -9.21
C GLY D 40 -5.28 18.51 -10.49
N SER D 41 -6.21 17.63 -10.84
CA SER D 41 -6.09 16.85 -12.05
C SER D 41 -7.39 16.17 -12.45
N HIS D 42 -7.93 16.56 -13.61
CA HIS D 42 -9.16 15.96 -14.10
C HIS D 42 -9.02 14.45 -14.18
N ALA D 43 -7.92 14.00 -14.77
CA ALA D 43 -7.68 12.56 -14.93
C ALA D 43 -7.70 11.82 -13.58
N THR D 44 -7.10 12.41 -12.55
CA THR D 44 -7.09 11.79 -11.23
C THR D 44 -8.51 11.69 -10.68
N ALA D 45 -9.27 12.78 -10.79
CA ALA D 45 -10.65 12.80 -10.32
C ALA D 45 -11.51 11.78 -11.07
N GLU D 46 -11.42 11.77 -12.41
CA GLU D 46 -12.20 10.84 -13.22
C GLU D 46 -11.86 9.37 -12.86
N THR D 47 -10.57 9.07 -12.69
CA THR D 47 -10.16 7.71 -12.35
C THR D 47 -10.79 7.27 -11.03
N LEU D 48 -10.73 8.15 -10.03
CA LEU D 48 -11.30 7.85 -8.72
C LEU D 48 -12.78 7.52 -8.80
N LEU D 49 -13.54 8.39 -9.45
CA LEU D 49 -14.98 8.20 -9.57
C LEU D 49 -15.40 6.93 -10.32
N ARG D 50 -14.82 6.70 -11.49
CA ARG D 50 -15.15 5.50 -12.27
C ARG D 50 -14.74 4.22 -11.55
N SER D 51 -13.55 4.23 -10.95
CA SER D 51 -13.08 3.04 -10.24
C SER D 51 -13.97 2.77 -9.06
N LEU D 52 -14.30 3.83 -8.34
CA LEU D 52 -15.17 3.71 -7.19
C LEU D 52 -16.48 3.05 -7.62
N GLY D 53 -17.09 3.61 -8.67
CA GLY D 53 -18.34 3.06 -9.16
C GLY D 53 -18.23 1.61 -9.56
N GLN D 54 -17.07 1.21 -10.04
CA GLN D 54 -16.85 -0.15 -10.47
C GLN D 54 -16.87 -1.11 -9.28
N VAL D 55 -16.28 -0.71 -8.17
CA VAL D 55 -16.25 -1.60 -7.01
C VAL D 55 -17.43 -1.39 -6.06
N GLU D 56 -18.22 -0.34 -6.27
CA GLU D 56 -19.36 -0.09 -5.40
C GLU D 56 -20.38 -1.21 -5.67
N ASP D 57 -20.10 -1.99 -6.71
CA ASP D 57 -20.94 -3.11 -7.11
C ASP D 57 -20.71 -4.36 -6.26
N PRO D 71 -11.67 -18.68 -14.22
CA PRO D 71 -10.42 -19.36 -13.80
C PRO D 71 -10.04 -18.99 -12.37
N LEU D 72 -9.86 -20.02 -11.54
CA LEU D 72 -9.53 -19.85 -10.14
C LEU D 72 -8.35 -18.91 -9.85
N LEU D 73 -7.26 -19.05 -10.61
CA LEU D 73 -6.10 -18.19 -10.40
C LEU D 73 -6.47 -16.71 -10.41
N VAL D 74 -7.32 -16.33 -11.35
CA VAL D 74 -7.74 -14.94 -11.46
C VAL D 74 -8.56 -14.53 -10.26
N GLN D 75 -9.47 -15.41 -9.83
CA GLN D 75 -10.31 -15.10 -8.69
C GLN D 75 -9.46 -14.92 -7.43
N ARG D 76 -8.36 -15.66 -7.37
CA ARG D 76 -7.45 -15.56 -6.23
C ARG D 76 -6.73 -14.22 -6.28
N MET D 77 -6.40 -13.78 -7.49
CA MET D 77 -5.71 -12.51 -7.68
C MET D 77 -6.64 -11.40 -7.20
N ASP D 78 -7.92 -11.54 -7.53
CA ASP D 78 -8.94 -10.57 -7.13
C ASP D 78 -9.10 -10.55 -5.61
N ALA D 79 -8.91 -11.70 -4.97
CA ALA D 79 -9.04 -11.78 -3.53
C ALA D 79 -7.87 -11.02 -2.91
N LYS D 80 -6.70 -11.21 -3.48
CA LYS D 80 -5.49 -10.54 -3.02
C LYS D 80 -5.65 -9.02 -3.12
N LEU D 81 -6.27 -8.56 -4.20
CA LEU D 81 -6.50 -7.14 -4.41
C LEU D 81 -7.45 -6.60 -3.33
N ASP D 82 -8.47 -7.37 -2.97
CA ASP D 82 -9.39 -6.94 -1.92
C ASP D 82 -8.63 -6.79 -0.61
N LEU D 83 -7.77 -7.76 -0.30
CA LEU D 83 -7.03 -7.69 0.94
C LEU D 83 -6.08 -6.51 0.93
N ILE D 84 -5.38 -6.31 -0.18
CA ILE D 84 -4.44 -5.21 -0.29
C ILE D 84 -5.17 -3.87 -0.11
N LEU D 85 -6.26 -3.69 -0.85
CA LEU D 85 -7.03 -2.45 -0.79
C LEU D 85 -7.47 -2.15 0.64
N ALA D 86 -7.96 -3.15 1.34
CA ALA D 86 -8.41 -2.97 2.72
C ALA D 86 -7.29 -2.51 3.65
N LEU D 87 -6.13 -3.16 3.56
CA LEU D 87 -4.98 -2.81 4.39
C LEU D 87 -4.46 -1.41 4.08
N ILE D 88 -4.29 -1.11 2.79
CA ILE D 88 -3.78 0.20 2.41
C ILE D 88 -4.75 1.27 2.91
N GLY D 89 -6.04 0.94 2.91
CA GLY D 89 -7.04 1.88 3.38
C GLY D 89 -6.77 2.21 4.85
N ARG D 90 -6.58 1.16 5.64
CA ARG D 90 -6.29 1.30 7.06
C ARG D 90 -5.09 2.22 7.26
N LEU D 91 -3.97 1.90 6.60
CA LEU D 91 -2.76 2.71 6.71
C LEU D 91 -3.01 4.20 6.52
N VAL D 92 -3.66 4.57 5.42
CA VAL D 92 -3.93 5.97 5.16
C VAL D 92 -4.72 6.60 6.31
N ARG D 93 -5.71 5.88 6.83
CA ARG D 93 -6.53 6.36 7.94
C ARG D 93 -5.79 6.57 9.26
N GLN D 94 -4.53 6.14 9.33
CA GLN D 94 -3.74 6.29 10.55
C GLN D 94 -3.38 7.75 10.81
N SER D 95 -2.55 8.29 9.92
CA SER D 95 -2.08 9.66 10.03
C SER D 95 -2.58 10.60 8.96
N ASP D 96 -3.88 10.54 8.65
CA ASP D 96 -4.45 11.44 7.65
C ASP D 96 -5.37 12.46 8.31
N THR D 97 -5.35 13.67 7.79
CA THR D 97 -6.19 14.72 8.34
C THR D 97 -7.60 14.57 7.77
N ARG D 98 -8.52 14.12 8.61
CA ARG D 98 -9.92 13.90 8.24
C ARG D 98 -10.64 15.22 7.87
N LEU D 99 -11.64 15.10 6.98
CA LEU D 99 -12.41 16.25 6.55
C LEU D 99 -13.61 16.40 7.48
N ALA D 100 -14.25 17.56 7.47
CA ALA D 100 -15.41 17.82 8.31
C ALA D 100 -16.69 17.19 7.76
N LEU D 101 -17.30 16.32 8.54
CA LEU D 101 -18.52 15.65 8.14
C LEU D 101 -19.75 16.50 8.40
N GLY D 102 -20.41 16.92 7.32
CA GLY D 102 -21.60 17.74 7.44
C GLY D 102 -22.52 17.55 6.25
N THR D 103 -23.74 18.07 6.36
CA THR D 103 -24.72 17.98 5.28
C THR D 103 -24.26 18.91 4.15
N VAL D 104 -24.41 18.45 2.91
CA VAL D 104 -24.01 19.24 1.74
C VAL D 104 -25.05 19.12 0.63
N HIS D 105 -24.97 20.02 -0.34
CA HIS D 105 -25.85 19.99 -1.48
C HIS D 105 -24.92 19.92 -2.69
N TRP D 106 -25.02 18.82 -3.42
CA TRP D 106 -24.13 18.52 -4.54
C TRP D 106 -24.79 18.29 -5.91
N SER D 107 -24.24 18.94 -6.93
CA SER D 107 -24.74 18.79 -8.31
C SER D 107 -23.49 18.76 -9.18
N VAL D 108 -23.64 18.41 -10.45
CA VAL D 108 -22.50 18.36 -11.36
C VAL D 108 -21.83 19.72 -11.48
N ARG D 109 -22.56 20.80 -11.17
CA ARG D 109 -22.03 22.15 -11.30
C ARG D 109 -21.23 22.71 -10.12
N GLY D 110 -21.60 22.33 -8.90
CA GLY D 110 -20.90 22.85 -7.74
C GLY D 110 -21.46 22.26 -6.47
N ILE D 111 -21.04 22.78 -5.32
CA ILE D 111 -21.52 22.25 -4.06
C ILE D 111 -21.68 23.31 -2.98
N ARG D 112 -22.67 23.10 -2.11
CA ARG D 112 -22.91 23.98 -0.98
C ARG D 112 -22.53 23.20 0.28
N LEU D 113 -21.56 23.73 1.02
CA LEU D 113 -21.08 23.10 2.25
C LEU D 113 -20.68 24.11 3.32
N ALA D 114 -20.54 23.64 4.56
CA ALA D 114 -20.14 24.49 5.68
C ALA D 114 -18.63 24.75 5.65
N SER D 115 -18.23 25.92 6.12
CA SER D 115 -16.81 26.27 6.12
C SER D 115 -16.38 27.02 7.40
N PRO D 116 -15.12 26.83 7.82
CA PRO D 116 -14.59 27.50 9.02
C PRO D 116 -14.69 29.02 8.90
N HIS D 117 -14.19 29.54 7.79
CA HIS D 117 -14.19 30.97 7.54
C HIS D 117 -14.99 31.28 6.28
N ALA D 118 -15.60 32.45 6.22
CA ALA D 118 -16.36 32.83 5.03
C ALA D 118 -15.35 33.35 4.00
N HIS D 119 -15.73 33.40 2.73
CA HIS D 119 -14.82 33.90 1.68
C HIS D 119 -15.54 34.82 0.73
N PRO D 120 -14.83 35.80 0.17
CA PRO D 120 -15.44 36.74 -0.77
C PRO D 120 -15.70 36.08 -2.12
N PRO D 121 -16.88 36.32 -2.70
CA PRO D 121 -17.15 35.70 -4.00
C PRO D 121 -16.00 35.94 -4.99
N GLY D 122 -15.62 34.89 -5.72
CA GLY D 122 -14.54 35.00 -6.67
C GLY D 122 -13.29 34.31 -6.16
N THR D 123 -13.29 33.99 -4.88
CA THR D 123 -12.15 33.32 -4.25
C THR D 123 -12.02 31.95 -4.86
N THR D 124 -10.83 31.61 -5.33
CA THR D 124 -10.63 30.32 -5.96
C THR D 124 -9.83 29.35 -5.08
N GLY D 125 -10.19 28.07 -5.17
CA GLY D 125 -9.51 27.06 -4.38
C GLY D 125 -9.91 25.66 -4.82
N SER D 126 -9.86 24.71 -3.90
CA SER D 126 -10.23 23.34 -4.22
C SER D 126 -11.26 22.78 -3.25
N VAL D 127 -12.24 22.08 -3.78
CA VAL D 127 -13.24 21.45 -2.93
C VAL D 127 -12.66 20.05 -2.74
N LEU D 128 -12.63 19.61 -1.49
CA LEU D 128 -12.15 18.29 -1.13
C LEU D 128 -13.31 17.55 -0.49
N LEU D 129 -13.47 16.29 -0.85
CA LEU D 129 -14.53 15.48 -0.29
C LEU D 129 -14.22 14.01 -0.44
N GLN D 130 -14.73 13.22 0.51
CA GLN D 130 -14.52 11.78 0.51
C GLN D 130 -15.76 11.11 -0.09
N PRO D 131 -15.69 10.74 -1.39
CA PRO D 131 -16.78 10.08 -2.12
C PRO D 131 -17.41 8.91 -1.37
N SER D 132 -16.61 7.90 -1.03
CA SER D 132 -17.08 6.71 -0.34
C SER D 132 -16.64 6.70 1.12
N ASP D 133 -17.47 6.14 2.00
CA ASP D 133 -17.13 6.11 3.41
C ASP D 133 -16.14 5.02 3.83
N TRP D 134 -16.10 3.91 3.10
CA TRP D 134 -15.21 2.80 3.43
C TRP D 134 -13.75 2.96 2.96
N LEU D 135 -13.50 3.98 2.13
CA LEU D 135 -12.14 4.24 1.60
C LEU D 135 -11.73 5.69 1.88
N PRO D 136 -10.52 5.89 2.41
CA PRO D 136 -10.03 7.25 2.72
C PRO D 136 -9.54 8.08 1.53
N GLU D 137 -9.85 7.64 0.31
CA GLU D 137 -9.41 8.38 -0.87
C GLU D 137 -10.28 9.62 -1.06
N LEU D 138 -9.64 10.77 -1.28
CA LEU D 138 -10.37 12.01 -1.46
C LEU D 138 -10.39 12.49 -2.91
N LEU D 139 -11.48 13.15 -3.28
CA LEU D 139 -11.67 13.71 -4.60
C LEU D 139 -11.40 15.23 -4.47
N GLN D 140 -10.60 15.78 -5.39
CA GLN D 140 -10.30 17.21 -5.37
C GLN D 140 -10.84 17.84 -6.65
N LEU D 141 -11.57 18.95 -6.49
CA LEU D 141 -12.16 19.64 -7.63
C LEU D 141 -11.95 21.15 -7.49
N PRO D 142 -11.24 21.77 -8.44
CA PRO D 142 -10.96 23.21 -8.45
C PRO D 142 -12.28 24.00 -8.53
N ALA D 143 -12.44 24.98 -7.67
CA ALA D 143 -13.67 25.78 -7.68
C ALA D 143 -13.50 27.23 -7.23
N ASP D 144 -14.53 28.02 -7.48
CA ASP D 144 -14.56 29.42 -7.09
C ASP D 144 -15.80 29.68 -6.27
N VAL D 145 -15.65 30.52 -5.25
CA VAL D 145 -16.76 30.88 -4.38
C VAL D 145 -17.77 31.74 -5.15
N LEU D 146 -19.04 31.33 -5.15
CA LEU D 146 -20.06 32.12 -5.83
C LEU D 146 -20.69 33.03 -4.78
N ALA D 147 -21.05 32.42 -3.66
CA ALA D 147 -21.67 33.12 -2.55
C ALA D 147 -21.09 32.60 -1.25
N SER D 148 -21.29 33.36 -0.18
CA SER D 148 -20.78 33.03 1.15
C SER D 148 -21.69 33.69 2.18
N ALA D 149 -22.48 32.90 2.90
CA ALA D 149 -23.39 33.45 3.90
C ALA D 149 -23.48 32.60 5.17
N SER D 150 -24.01 33.19 6.23
CA SER D 150 -24.15 32.50 7.51
C SER D 150 -25.59 32.39 7.95
N ASP D 151 -25.92 31.27 8.60
CA ASP D 151 -27.28 31.06 9.08
C ASP D 151 -27.38 31.37 10.57
N GLY D 152 -26.33 31.98 11.12
CA GLY D 152 -26.32 32.31 12.53
C GLY D 152 -25.57 31.27 13.36
N GLN D 153 -25.25 30.14 12.74
CA GLN D 153 -24.51 29.08 13.42
C GLN D 153 -23.25 28.71 12.66
N GLN D 154 -23.34 28.67 11.32
CA GLN D 154 -22.17 28.32 10.49
C GLN D 154 -22.05 29.13 9.20
N HIS D 155 -20.85 29.14 8.64
CA HIS D 155 -20.59 29.83 7.40
C HIS D 155 -20.85 28.86 6.24
N TRP D 156 -21.77 29.21 5.35
CA TRP D 156 -22.04 28.35 4.21
C TRP D 156 -21.43 28.93 2.93
N LEU D 157 -20.82 28.04 2.16
CA LEU D 157 -20.20 28.41 0.89
C LEU D 157 -20.92 27.75 -0.28
N TRP D 158 -20.99 28.47 -1.39
CA TRP D 158 -21.60 27.98 -2.61
C TRP D 158 -20.43 28.03 -3.59
N LEU D 159 -19.85 26.87 -3.87
CA LEU D 159 -18.71 26.75 -4.78
C LEU D 159 -19.14 26.24 -6.15
N ARG D 160 -18.54 26.82 -7.19
CA ARG D 160 -18.85 26.45 -8.56
C ARG D 160 -17.58 25.80 -9.13
N PHE D 161 -17.66 24.50 -9.41
CA PHE D 161 -16.49 23.80 -9.96
C PHE D 161 -16.06 24.44 -11.26
N ALA D 162 -14.75 24.49 -11.50
CA ALA D 162 -14.25 25.03 -12.75
C ALA D 162 -14.57 23.92 -13.77
N PRO D 163 -14.61 24.25 -15.09
CA PRO D 163 -14.92 23.25 -16.13
C PRO D 163 -14.23 21.90 -15.87
N LEU D 164 -15.03 20.85 -15.87
CA LEU D 164 -14.54 19.51 -15.57
C LEU D 164 -13.98 18.72 -16.74
N GLY D 165 -14.38 19.09 -17.95
CA GLY D 165 -13.94 18.36 -19.11
C GLY D 165 -14.93 17.23 -19.32
N THR D 166 -15.07 16.79 -20.56
CA THR D 166 -16.02 15.74 -20.93
C THR D 166 -15.99 14.47 -20.09
N GLY D 167 -14.83 13.86 -19.96
CA GLY D 167 -14.71 12.64 -19.19
C GLY D 167 -15.07 12.77 -17.72
N LEU D 168 -14.42 13.71 -17.03
CA LEU D 168 -14.72 13.88 -15.63
C LEU D 168 -16.19 14.27 -15.43
N GLN D 169 -16.71 15.15 -16.28
CA GLN D 169 -18.10 15.55 -16.12
C GLN D 169 -19.02 14.33 -16.21
N ASP D 170 -18.80 13.48 -17.22
CA ASP D 170 -19.63 12.30 -17.37
C ASP D 170 -19.53 11.39 -16.13
N ALA D 171 -18.31 11.16 -15.64
CA ALA D 171 -18.10 10.33 -14.44
C ALA D 171 -18.89 10.88 -13.25
N LEU D 172 -18.78 12.19 -13.04
CA LEU D 172 -19.48 12.84 -11.94
C LEU D 172 -21.00 12.72 -12.12
N GLU D 173 -21.50 12.91 -13.34
CA GLU D 173 -22.94 12.79 -13.57
C GLU D 173 -23.39 11.37 -13.23
N ARG D 174 -22.62 10.38 -13.67
CA ARG D 174 -22.97 8.99 -13.36
C ARG D 174 -22.95 8.80 -11.83
N HIS D 175 -21.90 9.31 -11.18
CA HIS D 175 -21.76 9.20 -9.74
C HIS D 175 -22.96 9.74 -8.95
N LEU D 176 -23.39 10.96 -9.28
CA LEU D 176 -24.52 11.58 -8.60
C LEU D 176 -25.84 10.84 -8.87
N PHE D 177 -26.04 10.37 -10.10
CA PHE D 177 -27.26 9.67 -10.46
C PHE D 177 -27.41 8.37 -9.68
N ARG D 178 -26.34 7.59 -9.61
CA ARG D 178 -26.39 6.34 -8.86
C ARG D 178 -26.67 6.67 -7.39
N LEU D 179 -25.96 7.66 -6.86
CA LEU D 179 -26.12 8.09 -5.47
C LEU D 179 -27.59 8.40 -5.17
N HIS D 180 -28.22 9.16 -6.06
CA HIS D 180 -29.62 9.53 -5.90
C HIS D 180 -30.50 8.28 -5.93
N ARG D 181 -30.19 7.36 -6.84
CA ARG D 181 -30.96 6.13 -6.99
C ARG D 181 -30.88 5.30 -5.72
N ARG D 182 -29.64 4.96 -5.33
CA ARG D 182 -29.39 4.18 -4.11
C ARG D 182 -30.23 4.70 -2.94
N GLN D 183 -30.12 6.00 -2.68
CA GLN D 183 -30.81 6.60 -1.54
C GLN D 183 -32.32 6.68 -1.61
N ILE D 184 -32.91 6.35 -2.74
CA ILE D 184 -34.35 6.36 -2.81
C ILE D 184 -34.78 4.92 -2.57
N ALA D 185 -34.55 4.45 -1.35
CA ALA D 185 -34.89 3.09 -0.95
C ALA D 185 -35.59 3.09 0.40
N ASP D 186 -36.78 2.47 0.44
CA ASP D 186 -37.60 2.38 1.66
C ASP D 186 -38.01 3.74 2.20
#